data_2YG7
#
_entry.id   2YG7
#
_cell.length_a   114.010
_cell.length_b   120.390
_cell.length_c   171.410
_cell.angle_alpha   90.00
_cell.angle_beta   90.00
_cell.angle_gamma   90.00
#
_symmetry.space_group_name_H-M   'I 21 21 21'
#
loop_
_entity.id
_entity.type
_entity.pdbx_description
1 polymer 'PUTRESCINE OXIDASE'
2 non-polymer 'FLAVIN-ADENINE DINUCLEOTIDE'
3 water water
#
_entity_poly.entity_id   1
_entity_poly.type   'polypeptide(L)'
_entity_poly.pdbx_seq_one_letter_code
;VPTLQRDVAIVGAGPSGLAAATALRKAGLSVAVIEARDRVGGRTWTDTIDGAVLEIGGQWVSPDQTALISLLDELGLKTF
ERYREGESVYISSAGERTRYTGDSFPTNETTKKEMDRLIDEMDDLAAQIGAEEPWAHPLARDLDTVSFKQWLINQSDDAE
ARDNIGLFIAGGMLTKPAHSFSALQAVLMAASAGSFSHLVDEDFILDKRVIGGMQQVSIRMAEALGDDVFLNAPVRTVKW
NESGATVLADGDIRVEASRVILAVPPNLYSRISYDPPLPRRQHQMHQHQSLGLVIKVHAVYETPFWREDGLSGTGFGASE
VVQEVYDNTNHEDDRGTLVAFVSDEKADAMFELSAEERKATILASLARYLGPKAEEPVVYYESDWGSEEWTRGCYTASFD
LGGLHRYGADSRTPVGPIHFSCSDIAAEGYGHVDGAVRMGQRTAADIIARSKA
;
_entity_poly.pdbx_strand_id   A,B
#
loop_
_chem_comp.id
_chem_comp.type
_chem_comp.name
_chem_comp.formula
FAD non-polymer 'FLAVIN-ADENINE DINUCLEOTIDE' 'C27 H33 N9 O15 P2'
#
# COMPACT_ATOMS: atom_id res chain seq x y z
N PRO A 2 43.67 -35.08 14.95
CA PRO A 2 44.42 -36.20 14.38
C PRO A 2 44.26 -36.32 12.87
N THR A 3 44.90 -37.36 12.29
CA THR A 3 44.88 -37.57 10.84
C THR A 3 44.38 -39.00 10.47
N LEU A 4 43.56 -39.15 9.41
CA LEU A 4 42.90 -40.44 9.02
C LEU A 4 42.60 -40.64 7.52
N GLN A 5 42.47 -41.89 7.05
CA GLN A 5 42.12 -42.13 5.65
C GLN A 5 40.74 -42.67 5.58
N ARG A 6 40.02 -42.26 4.53
CA ARG A 6 38.67 -42.73 4.23
C ARG A 6 38.48 -42.65 2.74
N ASP A 7 37.51 -43.40 2.22
CA ASP A 7 37.18 -43.34 0.79
C ASP A 7 36.64 -41.94 0.42
N VAL A 8 35.70 -41.45 1.23
CA VAL A 8 35.06 -40.13 1.02
C VAL A 8 35.11 -39.18 2.25
N ALA A 9 35.59 -37.96 2.07
CA ALA A 9 35.50 -36.97 3.16
C ALA A 9 34.28 -36.10 2.89
N ILE A 10 33.40 -35.97 3.87
CA ILE A 10 32.18 -35.22 3.66
C ILE A 10 32.22 -33.95 4.49
N VAL A 11 32.08 -32.80 3.80
CA VAL A 11 32.14 -31.49 4.44
C VAL A 11 30.72 -30.96 4.69
N GLY A 12 30.37 -30.90 5.98
CA GLY A 12 29.03 -30.49 6.42
C GLY A 12 28.07 -31.62 6.74
N ALA A 13 27.47 -31.59 7.93
CA ALA A 13 26.58 -32.65 8.38
C ALA A 13 25.16 -32.16 8.46
N GLY A 14 24.70 -31.54 7.40
CA GLY A 14 23.30 -31.24 7.25
C GLY A 14 22.65 -32.49 6.70
N PRO A 15 21.35 -32.41 6.41
CA PRO A 15 20.73 -33.62 5.90
C PRO A 15 21.37 -34.13 4.55
N SER A 16 21.84 -33.23 3.70
CA SER A 16 22.48 -33.68 2.46
C SER A 16 23.78 -34.48 2.71
N GLY A 17 24.77 -33.90 3.38
CA GLY A 17 25.95 -34.68 3.70
C GLY A 17 25.63 -35.99 4.39
N LEU A 18 24.75 -35.99 5.39
CA LEU A 18 24.54 -37.21 6.18
C LEU A 18 23.92 -38.30 5.31
N ALA A 19 22.93 -37.92 4.52
CA ALA A 19 22.34 -38.77 3.49
C ALA A 19 23.40 -39.44 2.60
N ALA A 20 24.36 -38.67 2.12
CA ALA A 20 25.47 -39.23 1.37
C ALA A 20 26.28 -40.21 2.20
N ALA A 21 26.62 -39.81 3.40
CA ALA A 21 27.39 -40.65 4.29
C ALA A 21 26.66 -42.02 4.51
N THR A 22 25.38 -41.94 4.83
CA THR A 22 24.54 -43.12 4.97
C THR A 22 24.61 -44.09 3.79
N ALA A 23 24.38 -43.57 2.58
CA ALA A 23 24.35 -44.36 1.37
C ALA A 23 25.74 -44.90 1.02
N LEU A 24 26.79 -44.16 1.36
CA LEU A 24 28.12 -44.61 1.09
C LEU A 24 28.47 -45.77 2.01
N ARG A 25 28.14 -45.67 3.29
CA ARG A 25 28.35 -46.77 4.22
C ARG A 25 27.60 -48.01 3.79
N LYS A 26 26.34 -47.85 3.39
CA LYS A 26 25.56 -48.98 2.86
C LYS A 26 26.31 -49.73 1.74
N ALA A 27 27.13 -49.03 0.97
CA ALA A 27 27.86 -49.65 -0.12
C ALA A 27 29.27 -50.09 0.28
N GLY A 28 29.53 -50.15 1.58
CA GLY A 28 30.80 -50.61 2.14
C GLY A 28 31.95 -49.62 2.03
N LEU A 29 31.63 -48.36 1.85
CA LEU A 29 32.66 -47.35 1.67
C LEU A 29 32.77 -46.56 2.96
N SER A 30 33.98 -46.18 3.33
CA SER A 30 34.19 -45.48 4.58
C SER A 30 34.11 -43.96 4.39
N VAL A 31 33.59 -43.29 5.39
CA VAL A 31 33.39 -41.84 5.35
C VAL A 31 33.92 -41.13 6.62
N ALA A 32 34.21 -39.84 6.47
CA ALA A 32 34.36 -38.89 7.59
C ALA A 32 33.49 -37.66 7.33
N VAL A 33 32.55 -37.37 8.23
CA VAL A 33 31.76 -36.16 8.06
C VAL A 33 32.28 -35.08 8.97
N ILE A 34 32.76 -33.98 8.40
CA ILE A 34 33.35 -32.90 9.19
C ILE A 34 32.39 -31.72 9.23
N GLU A 35 31.99 -31.36 10.44
CA GLU A 35 30.96 -30.34 10.63
C GLU A 35 31.47 -29.14 11.46
N ALA A 36 31.11 -27.93 11.02
CA ALA A 36 31.55 -26.69 11.66
C ALA A 36 30.89 -26.40 13.01
N ARG A 37 29.61 -26.71 13.14
CA ARG A 37 28.89 -26.38 14.35
C ARG A 37 29.08 -27.44 15.44
N ASP A 38 28.63 -27.16 16.66
CA ASP A 38 28.59 -28.18 17.74
C ASP A 38 27.31 -29.05 17.68
N ARG A 39 26.72 -29.18 16.49
CA ARG A 39 25.52 -30.00 16.29
C ARG A 39 25.49 -30.44 14.82
N VAL A 40 24.67 -31.44 14.51
CA VAL A 40 24.34 -31.78 13.11
C VAL A 40 22.99 -31.15 12.68
N GLY A 41 22.68 -31.24 11.38
CA GLY A 41 21.33 -30.92 10.91
C GLY A 41 21.28 -29.62 10.15
N GLY A 42 22.29 -28.76 10.31
CA GLY A 42 22.45 -27.54 9.53
C GLY A 42 21.24 -26.65 9.57
N ARG A 43 20.53 -26.54 8.44
CA ARG A 43 19.35 -25.69 8.32
C ARG A 43 18.08 -26.34 8.90
N THR A 44 18.26 -27.48 9.54
CA THR A 44 17.21 -28.02 10.34
C THR A 44 17.73 -27.99 11.76
N TRP A 45 16.88 -27.70 12.72
CA TRP A 45 17.33 -27.54 14.09
C TRP A 45 16.13 -27.36 14.99
N THR A 46 15.92 -28.31 15.90
CA THR A 46 14.90 -28.26 16.97
C THR A 46 15.60 -27.78 18.24
N ASP A 47 15.00 -26.82 18.94
CA ASP A 47 15.56 -26.30 20.20
C ASP A 47 14.44 -25.79 21.09
N THR A 48 14.71 -25.81 22.41
CA THR A 48 13.79 -25.29 23.38
C THR A 48 14.16 -23.84 23.71
N ILE A 49 13.23 -22.94 23.40
CA ILE A 49 13.31 -21.52 23.79
C ILE A 49 12.21 -21.23 24.83
N ASP A 50 12.59 -20.61 25.95
CA ASP A 50 11.66 -20.26 27.04
C ASP A 50 10.62 -21.39 27.29
N GLY A 51 11.10 -22.63 27.25
CA GLY A 51 10.26 -23.77 27.58
C GLY A 51 9.33 -24.24 26.49
N ALA A 52 9.57 -23.79 25.25
CA ALA A 52 8.77 -24.16 24.07
C ALA A 52 9.63 -24.88 23.03
N VAL A 53 9.19 -26.05 22.61
CA VAL A 53 9.94 -26.82 21.63
C VAL A 53 9.59 -26.30 20.25
N LEU A 54 10.59 -25.77 19.53
CA LEU A 54 10.38 -25.04 18.28
C LEU A 54 11.29 -25.53 17.17
N GLU A 55 10.76 -25.49 15.94
CA GLU A 55 11.54 -25.95 14.81
C GLU A 55 12.16 -24.75 14.11
N ILE A 56 13.35 -24.40 14.56
CA ILE A 56 14.05 -23.24 14.01
C ILE A 56 14.24 -23.28 12.48
N GLY A 57 14.59 -24.45 11.92
CA GLY A 57 14.79 -24.58 10.48
C GLY A 57 13.69 -25.27 9.69
N GLY A 58 14.06 -26.08 8.69
CA GLY A 58 13.10 -26.81 7.87
C GLY A 58 12.28 -27.75 8.72
N GLN A 59 11.01 -27.94 8.39
CA GLN A 59 10.17 -28.73 9.24
C GLN A 59 9.07 -29.56 8.59
N TRP A 60 8.74 -29.26 7.32
CA TRP A 60 7.51 -29.80 6.70
C TRP A 60 7.79 -30.81 5.66
N VAL A 61 6.80 -31.66 5.39
CA VAL A 61 6.94 -32.84 4.56
C VAL A 61 5.73 -32.94 3.69
N SER A 62 5.91 -32.89 2.37
CA SER A 62 4.77 -32.97 1.44
C SER A 62 4.70 -34.35 0.78
N PRO A 63 3.51 -34.72 0.22
CA PRO A 63 3.34 -36.09 -0.30
C PRO A 63 4.27 -36.42 -1.45
N ASP A 64 4.64 -35.44 -2.28
CA ASP A 64 5.59 -35.71 -3.38
C ASP A 64 7.07 -35.92 -2.93
N GLN A 65 7.34 -35.77 -1.62
CA GLN A 65 8.72 -35.86 -1.07
C GLN A 65 9.09 -37.30 -0.66
N THR A 66 9.12 -38.17 -1.67
CA THR A 66 9.17 -39.62 -1.47
C THR A 66 10.53 -40.14 -0.98
N ALA A 67 11.62 -39.56 -1.46
CA ALA A 67 12.96 -39.83 -0.94
C ALA A 67 12.98 -39.67 0.56
N LEU A 68 12.41 -38.55 1.03
CA LEU A 68 12.41 -38.23 2.44
C LEU A 68 11.43 -39.10 3.19
N ILE A 69 10.23 -39.30 2.65
CA ILE A 69 9.26 -40.20 3.27
C ILE A 69 9.86 -41.61 3.47
N SER A 70 10.62 -42.08 2.48
CA SER A 70 11.36 -43.35 2.56
C SER A 70 12.40 -43.42 3.65
N LEU A 71 13.22 -42.37 3.73
CA LEU A 71 14.23 -42.24 4.77
C LEU A 71 13.60 -42.17 6.14
N LEU A 72 12.57 -41.34 6.30
CA LEU A 72 11.82 -41.30 7.55
C LEU A 72 11.45 -42.68 8.04
N ASP A 73 10.71 -43.41 7.21
CA ASP A 73 10.27 -44.76 7.52
C ASP A 73 11.46 -45.69 7.82
N GLU A 74 12.58 -45.52 7.10
CA GLU A 74 13.78 -46.34 7.32
C GLU A 74 14.49 -46.00 8.64
N LEU A 75 14.27 -44.81 9.18
CA LEU A 75 14.93 -44.41 10.40
C LEU A 75 14.01 -44.52 11.62
N GLY A 76 12.81 -45.05 11.40
CA GLY A 76 11.80 -45.20 12.44
C GLY A 76 11.17 -43.93 12.97
N LEU A 77 11.09 -42.90 12.15
CA LEU A 77 10.45 -41.68 12.57
C LEU A 77 9.06 -41.61 11.95
N LYS A 78 8.10 -41.07 12.69
CA LYS A 78 6.75 -40.93 12.19
C LYS A 78 6.28 -39.46 12.01
N THR A 79 5.13 -39.27 11.36
CA THR A 79 4.69 -37.93 10.97
C THR A 79 3.26 -37.64 11.43
N PHE A 80 2.79 -36.41 11.21
CA PHE A 80 1.44 -36.06 11.60
C PHE A 80 0.97 -34.88 10.75
N GLU A 81 -0.35 -34.69 10.64
CA GLU A 81 -0.93 -33.61 9.82
C GLU A 81 -0.83 -32.28 10.53
N ARG A 82 -0.57 -31.19 9.79
CA ARG A 82 -0.82 -29.83 10.26
C ARG A 82 -2.32 -29.71 10.46
N TYR A 83 -2.76 -29.02 11.52
CA TYR A 83 -4.18 -28.80 11.74
C TYR A 83 -4.77 -28.01 10.57
N ARG A 84 -5.98 -28.30 10.14
CA ARG A 84 -6.54 -27.58 8.97
C ARG A 84 -8.05 -27.39 8.95
N GLU A 85 -8.73 -27.81 10.00
CA GLU A 85 -10.17 -27.58 10.04
C GLU A 85 -10.46 -26.09 10.17
N GLY A 86 -11.58 -25.68 9.57
CA GLY A 86 -12.05 -24.31 9.66
C GLY A 86 -11.60 -23.47 8.47
N GLU A 87 -11.68 -22.14 8.63
CA GLU A 87 -11.50 -21.20 7.52
C GLU A 87 -10.12 -20.53 7.53
N SER A 88 -9.60 -20.26 6.34
CA SER A 88 -8.40 -19.48 6.22
C SER A 88 -8.77 -18.00 6.07
N VAL A 89 -7.78 -17.14 6.26
CA VAL A 89 -7.95 -15.73 6.18
C VAL A 89 -7.11 -15.23 5.02
N TYR A 90 -7.71 -14.42 4.13
CA TYR A 90 -6.98 -13.78 3.06
C TYR A 90 -7.01 -12.27 3.30
N ILE A 91 -5.88 -11.61 3.10
CA ILE A 91 -5.83 -10.16 3.20
C ILE A 91 -5.44 -9.59 1.84
N SER A 92 -6.41 -8.97 1.16
CA SER A 92 -6.24 -8.33 -0.16
C SER A 92 -5.16 -7.22 -0.23
N SER A 93 -4.88 -6.74 -1.46
CA SER A 93 -3.91 -5.68 -1.72
C SER A 93 -4.38 -4.42 -1.03
N ALA A 94 -5.71 -4.24 -1.01
CA ALA A 94 -6.34 -3.09 -0.37
C ALA A 94 -6.32 -3.20 1.16
N GLY A 95 -5.78 -4.29 1.72
CA GLY A 95 -5.78 -4.49 3.19
C GLY A 95 -7.05 -5.10 3.80
N GLU A 96 -8.02 -5.43 2.96
CA GLU A 96 -9.25 -6.11 3.41
C GLU A 96 -9.11 -7.65 3.70
N ARG A 97 -9.51 -8.00 4.92
CA ARG A 97 -9.43 -9.33 5.52
C ARG A 97 -10.76 -10.06 5.33
N THR A 98 -10.71 -11.27 4.81
CA THR A 98 -11.91 -12.00 4.41
C THR A 98 -11.72 -13.44 4.76
N ARG A 99 -12.65 -14.06 5.49
CA ARG A 99 -12.50 -15.51 5.80
C ARG A 99 -12.93 -16.36 4.61
N TYR A 100 -12.36 -17.52 4.43
CA TYR A 100 -12.78 -18.32 3.31
C TYR A 100 -12.45 -19.77 3.57
N THR A 101 -13.25 -20.65 2.99
CA THR A 101 -12.85 -22.03 2.77
C THR A 101 -12.74 -22.12 1.26
N GLY A 102 -11.95 -23.07 0.77
CA GLY A 102 -11.83 -23.24 -0.67
C GLY A 102 -10.40 -23.39 -1.13
N ASP A 103 -10.24 -23.77 -2.38
CA ASP A 103 -8.88 -23.92 -2.93
C ASP A 103 -8.35 -22.60 -3.51
N SER A 104 -9.29 -21.67 -3.78
CA SER A 104 -8.95 -20.37 -4.35
C SER A 104 -9.35 -19.15 -3.49
N PHE A 105 -8.53 -18.08 -3.56
CA PHE A 105 -8.68 -16.82 -2.78
C PHE A 105 -9.93 -16.00 -3.06
N PRO A 106 -10.58 -15.47 -1.99
CA PRO A 106 -11.84 -14.73 -2.25
C PRO A 106 -11.57 -13.34 -2.81
N THR A 107 -11.13 -13.25 -4.05
CA THR A 107 -10.91 -11.98 -4.72
C THR A 107 -12.09 -11.73 -5.62
N ASN A 108 -12.17 -10.56 -6.25
CA ASN A 108 -13.19 -10.34 -7.27
C ASN A 108 -12.94 -11.28 -8.47
N GLU A 109 -13.95 -11.46 -9.32
CA GLU A 109 -13.90 -12.39 -10.46
C GLU A 109 -12.67 -12.22 -11.34
N THR A 110 -12.38 -10.96 -11.72
CA THR A 110 -11.25 -10.69 -12.61
C THR A 110 -9.97 -11.32 -12.05
N THR A 111 -9.52 -10.89 -10.86
CA THR A 111 -8.35 -11.49 -10.21
C THR A 111 -8.44 -13.03 -10.13
N LYS A 112 -9.60 -13.55 -9.72
CA LYS A 112 -9.80 -14.98 -9.68
C LYS A 112 -9.51 -15.65 -11.04
N LYS A 113 -10.04 -15.12 -12.15
CA LYS A 113 -9.79 -15.73 -13.47
C LYS A 113 -8.31 -15.66 -13.90
N GLU A 114 -7.70 -14.51 -13.61
CA GLU A 114 -6.31 -14.27 -13.94
C GLU A 114 -5.41 -15.18 -13.14
N MET A 115 -5.64 -15.31 -11.83
CA MET A 115 -4.92 -16.32 -11.03
C MET A 115 -4.99 -17.70 -11.63
N ASP A 116 -6.19 -18.13 -12.00
CA ASP A 116 -6.36 -19.47 -12.55
C ASP A 116 -5.60 -19.61 -13.83
N ARG A 117 -5.55 -18.56 -14.63
CA ARG A 117 -4.85 -18.65 -15.89
C ARG A 117 -3.34 -18.78 -15.68
N LEU A 118 -2.84 -18.02 -14.72
CA LEU A 118 -1.43 -18.04 -14.33
C LEU A 118 -1.03 -19.37 -13.69
N ILE A 119 -1.90 -19.94 -12.86
CA ILE A 119 -1.61 -21.23 -12.24
C ILE A 119 -1.51 -22.21 -13.38
N ASP A 120 -2.44 -22.20 -14.31
CA ASP A 120 -2.36 -23.19 -15.39
C ASP A 120 -1.14 -22.96 -16.23
N GLU A 121 -0.82 -21.72 -16.45
CA GLU A 121 0.29 -21.43 -17.31
C GLU A 121 1.60 -21.90 -16.64
N MET A 122 1.69 -21.71 -15.32
CA MET A 122 2.86 -22.15 -14.58
C MET A 122 2.92 -23.67 -14.51
N ASP A 123 1.75 -24.30 -14.37
CA ASP A 123 1.73 -25.74 -14.33
C ASP A 123 2.28 -26.30 -15.67
N ASP A 124 1.84 -25.73 -16.81
CA ASP A 124 2.25 -26.25 -18.13
C ASP A 124 3.77 -26.07 -18.34
N LEU A 125 4.27 -24.85 -18.10
CA LEU A 125 5.71 -24.60 -18.20
C LEU A 125 6.51 -25.56 -17.32
N ALA A 126 6.06 -25.82 -16.10
CA ALA A 126 6.77 -26.80 -15.26
C ALA A 126 6.63 -28.23 -15.80
N ALA A 127 5.48 -28.58 -16.33
CA ALA A 127 5.38 -29.91 -16.90
C ALA A 127 6.33 -30.09 -18.11
N GLN A 128 6.43 -29.08 -18.97
CA GLN A 128 7.26 -29.14 -20.16
C GLN A 128 8.72 -29.06 -19.76
N ILE A 129 9.06 -28.10 -18.88
CA ILE A 129 10.48 -27.80 -18.54
C ILE A 129 11.19 -28.76 -17.56
N GLY A 130 10.50 -29.16 -16.51
CA GLY A 130 11.08 -30.12 -15.59
C GLY A 130 12.03 -29.46 -14.62
N ALA A 131 12.33 -30.16 -13.52
CA ALA A 131 13.25 -29.68 -12.48
C ALA A 131 14.68 -30.22 -12.65
N GLU A 132 14.85 -31.18 -13.54
CA GLU A 132 16.14 -31.81 -13.75
C GLU A 132 17.17 -30.95 -14.47
N GLU A 133 16.84 -30.49 -15.68
CA GLU A 133 17.72 -29.58 -16.38
C GLU A 133 16.93 -28.44 -17.05
N PRO A 134 16.33 -27.56 -16.25
CA PRO A 134 15.60 -26.43 -16.78
C PRO A 134 16.37 -25.71 -17.89
N TRP A 135 17.66 -25.54 -17.63
CA TRP A 135 18.53 -24.81 -18.52
C TRP A 135 18.58 -25.43 -19.91
N ALA A 136 18.38 -26.76 -20.04
CA ALA A 136 18.54 -27.39 -21.36
C ALA A 136 17.33 -27.26 -22.30
N HIS A 137 16.23 -26.70 -21.79
CA HIS A 137 14.98 -26.62 -22.55
C HIS A 137 15.11 -25.48 -23.52
N PRO A 138 14.64 -25.68 -24.76
CA PRO A 138 14.76 -24.59 -25.75
C PRO A 138 14.14 -23.24 -25.28
N LEU A 139 13.14 -23.29 -24.39
CA LEU A 139 12.57 -22.05 -23.83
C LEU A 139 13.37 -21.40 -22.72
N ALA A 140 14.50 -21.98 -22.35
CA ALA A 140 15.21 -21.50 -21.18
C ALA A 140 15.76 -20.08 -21.29
N ARG A 141 16.47 -19.76 -22.37
CA ARG A 141 17.02 -18.44 -22.58
C ARG A 141 15.97 -17.29 -22.37
N ASP A 142 14.86 -17.38 -23.11
CA ASP A 142 13.79 -16.39 -23.02
C ASP A 142 13.23 -16.23 -21.62
N LEU A 143 12.95 -17.36 -20.98
CA LEU A 143 12.41 -17.41 -19.62
C LEU A 143 13.38 -16.96 -18.57
N ASP A 144 14.69 -17.09 -18.83
CA ASP A 144 15.67 -16.85 -17.77
C ASP A 144 16.32 -15.48 -17.89
N THR A 145 15.95 -14.71 -18.90
CA THR A 145 16.49 -13.36 -19.01
C THR A 145 15.45 -12.27 -18.75
N VAL A 146 14.30 -12.69 -18.23
CA VAL A 146 13.26 -11.77 -17.83
C VAL A 146 13.00 -12.11 -16.33
N SER A 147 12.82 -11.08 -15.50
CA SER A 147 12.47 -11.35 -14.08
C SER A 147 11.09 -11.96 -13.99
N PHE A 148 10.82 -12.65 -12.90
CA PHE A 148 9.49 -13.21 -12.68
C PHE A 148 8.53 -12.04 -12.59
N LYS A 149 8.92 -10.92 -11.97
CA LYS A 149 8.08 -9.72 -11.97
C LYS A 149 7.63 -9.32 -13.39
N GLN A 150 8.60 -9.24 -14.30
CA GLN A 150 8.34 -8.64 -15.61
C GLN A 150 7.48 -9.60 -16.42
N TRP A 151 7.78 -10.88 -16.25
CA TRP A 151 7.06 -11.95 -16.90
C TRP A 151 5.57 -11.86 -16.53
N LEU A 152 5.29 -11.65 -15.25
CA LEU A 152 3.93 -11.64 -14.81
C LEU A 152 3.28 -10.44 -15.47
N ILE A 153 4.04 -9.36 -15.57
CA ILE A 153 3.48 -8.15 -16.17
C ILE A 153 3.11 -8.46 -17.61
N ASN A 154 4.00 -9.16 -18.31
CA ASN A 154 3.77 -9.62 -19.68
C ASN A 154 2.56 -10.51 -19.89
N GLN A 155 2.17 -11.25 -18.86
CA GLN A 155 1.11 -12.24 -18.94
C GLN A 155 -0.21 -11.66 -18.52
N SER A 156 -0.22 -10.76 -17.54
CA SER A 156 -1.47 -10.33 -16.96
C SER A 156 -1.42 -8.89 -16.56
N ASP A 157 -2.54 -8.19 -16.76
CA ASP A 157 -2.70 -6.79 -16.39
C ASP A 157 -3.05 -6.58 -14.87
N ASP A 158 -3.32 -7.67 -14.17
CA ASP A 158 -3.93 -7.65 -12.83
C ASP A 158 -2.92 -7.66 -11.70
N ALA A 159 -2.74 -6.49 -11.10
CA ALA A 159 -1.78 -6.30 -10.00
C ALA A 159 -1.94 -7.35 -8.90
N GLU A 160 -3.16 -7.55 -8.44
CA GLU A 160 -3.37 -8.42 -7.29
C GLU A 160 -3.02 -9.88 -7.62
N ALA A 161 -3.40 -10.33 -8.83
CA ALA A 161 -3.12 -11.70 -9.22
C ALA A 161 -1.60 -11.91 -9.27
N ARG A 162 -0.88 -11.01 -9.94
CA ARG A 162 0.57 -11.07 -9.99
C ARG A 162 1.17 -11.08 -8.59
N ASP A 163 0.66 -10.21 -7.72
CA ASP A 163 1.20 -10.18 -6.37
C ASP A 163 0.99 -11.54 -5.68
N ASN A 164 -0.22 -12.13 -5.83
CA ASN A 164 -0.58 -13.40 -5.22
C ASN A 164 0.15 -14.57 -5.82
N ILE A 165 0.31 -14.61 -7.15
CA ILE A 165 1.21 -15.60 -7.73
C ILE A 165 2.64 -15.38 -7.15
N GLY A 166 3.15 -14.14 -7.16
CA GLY A 166 4.48 -13.88 -6.62
C GLY A 166 4.68 -14.39 -5.21
N LEU A 167 3.72 -14.14 -4.32
CA LEU A 167 3.73 -14.68 -2.95
C LEU A 167 4.24 -16.16 -2.93
N PHE A 168 3.75 -16.99 -3.84
CA PHE A 168 4.04 -18.41 -3.72
C PHE A 168 5.47 -18.80 -4.07
N ILE A 169 6.14 -17.98 -4.86
CA ILE A 169 7.45 -18.31 -5.36
C ILE A 169 8.42 -17.44 -4.62
N ALA A 170 8.16 -16.15 -4.72
CA ALA A 170 9.06 -15.16 -4.19
C ALA A 170 9.16 -15.33 -2.67
N GLY A 171 8.12 -15.01 -1.92
CA GLY A 171 8.27 -15.10 -0.47
C GLY A 171 8.11 -16.53 -0.03
N GLY A 172 7.41 -17.29 -0.85
CA GLY A 172 7.16 -18.68 -0.60
C GLY A 172 8.36 -19.64 -0.65
N MET A 173 9.29 -19.48 -1.63
CA MET A 173 10.35 -20.50 -1.87
C MET A 173 11.71 -19.92 -2.06
N LEU A 174 11.81 -18.89 -2.89
CA LEU A 174 13.13 -18.29 -3.12
C LEU A 174 13.52 -17.26 -2.08
N THR A 175 12.55 -16.76 -1.31
CA THR A 175 12.70 -15.62 -0.38
C THR A 175 13.57 -14.49 -0.90
N LYS A 176 13.35 -14.14 -2.16
CA LYS A 176 13.95 -12.99 -2.79
C LYS A 176 12.81 -12.26 -3.43
N PRO A 177 12.91 -10.94 -3.60
CA PRO A 177 11.84 -10.26 -4.36
C PRO A 177 11.73 -10.75 -5.77
N ALA A 178 10.51 -10.72 -6.29
CA ALA A 178 10.24 -11.10 -7.70
C ALA A 178 11.02 -10.34 -8.76
N HIS A 179 11.58 -9.18 -8.44
CA HIS A 179 12.31 -8.47 -9.48
C HIS A 179 13.74 -9.00 -9.64
N SER A 180 14.14 -9.86 -8.69
CA SER A 180 15.53 -10.33 -8.59
C SER A 180 15.86 -11.76 -9.12
N PHE A 181 14.85 -12.49 -9.58
CA PHE A 181 15.07 -13.84 -10.12
C PHE A 181 14.17 -14.02 -11.31
N SER A 182 14.43 -15.02 -12.13
CA SER A 182 13.81 -15.08 -13.45
C SER A 182 12.59 -15.97 -13.54
N ALA A 183 11.79 -15.74 -14.57
CA ALA A 183 10.70 -16.65 -14.84
C ALA A 183 11.18 -18.10 -14.81
N LEU A 184 12.35 -18.38 -15.39
CA LEU A 184 12.84 -19.77 -15.41
C LEU A 184 12.95 -20.32 -14.01
N GLN A 185 13.43 -19.48 -13.09
CA GLN A 185 13.68 -19.88 -11.71
C GLN A 185 12.34 -20.14 -11.08
N ALA A 186 11.32 -19.31 -11.36
CA ALA A 186 9.98 -19.61 -10.87
C ALA A 186 9.50 -20.99 -11.34
N VAL A 187 9.65 -21.25 -12.64
CA VAL A 187 9.21 -22.50 -13.25
C VAL A 187 9.90 -23.66 -12.54
N LEU A 188 11.22 -23.58 -12.46
CA LEU A 188 12.05 -24.59 -11.81
C LEU A 188 11.52 -24.90 -10.40
N MET A 189 11.19 -23.88 -9.61
CA MET A 189 10.60 -24.07 -8.28
C MET A 189 9.35 -24.93 -8.36
N ALA A 190 8.42 -24.51 -9.19
CA ALA A 190 7.19 -25.26 -9.39
C ALA A 190 7.45 -26.72 -9.80
N ALA A 191 8.33 -26.93 -10.77
CA ALA A 191 8.62 -28.29 -11.21
C ALA A 191 9.15 -29.15 -10.07
N SER A 192 9.94 -28.54 -9.18
CA SER A 192 10.55 -29.32 -8.11
C SER A 192 9.55 -29.79 -7.07
N ALA A 193 8.43 -29.11 -6.94
CA ALA A 193 7.36 -29.50 -6.00
C ALA A 193 6.36 -30.41 -6.72
N GLY A 194 6.66 -30.65 -8.00
CA GLY A 194 5.83 -31.47 -8.83
C GLY A 194 4.80 -30.69 -9.62
N SER A 195 4.61 -29.40 -9.32
CA SER A 195 3.76 -28.47 -10.10
C SER A 195 3.49 -27.18 -9.34
N PHE A 196 3.01 -26.16 -10.03
CA PHE A 196 2.67 -24.93 -9.33
C PHE A 196 1.42 -25.13 -8.45
N SER A 197 0.43 -25.88 -8.94
CA SER A 197 -0.75 -26.14 -8.14
C SER A 197 -0.38 -26.70 -6.79
N HIS A 198 0.63 -27.57 -6.74
CA HIS A 198 1.15 -28.09 -5.48
C HIS A 198 1.65 -27.02 -4.55
N LEU A 199 2.35 -26.03 -5.09
CA LEU A 199 2.84 -24.91 -4.28
C LEU A 199 1.72 -24.08 -3.73
N VAL A 200 0.56 -24.17 -4.36
CA VAL A 200 -0.51 -23.25 -4.07
C VAL A 200 -1.34 -23.78 -2.94
N ASP A 201 -1.66 -25.06 -3.03
CA ASP A 201 -2.39 -25.76 -1.99
C ASP A 201 -1.45 -26.06 -0.77
N GLU A 202 -1.49 -25.20 0.25
CA GLU A 202 -0.73 -25.45 1.49
C GLU A 202 -1.05 -26.81 2.15
N ASP A 203 -2.24 -27.39 1.88
CA ASP A 203 -2.58 -28.76 2.34
C ASP A 203 -1.67 -29.78 1.75
N PHE A 204 -0.95 -29.38 0.71
CA PHE A 204 -0.01 -30.24 0.06
C PHE A 204 1.41 -29.93 0.51
N ILE A 205 1.88 -28.70 0.26
CA ILE A 205 3.30 -28.39 0.46
C ILE A 205 3.63 -28.30 1.95
N LEU A 206 2.62 -27.91 2.75
CA LEU A 206 2.79 -27.81 4.20
C LEU A 206 2.00 -28.89 4.98
N ASP A 207 1.86 -30.07 4.34
CA ASP A 207 1.04 -31.21 4.83
C ASP A 207 1.45 -31.63 6.23
N LYS A 208 2.63 -32.23 6.36
CA LYS A 208 2.97 -32.96 7.60
C LYS A 208 4.28 -32.55 8.22
N ARG A 209 4.46 -32.93 9.47
CA ARG A 209 5.69 -32.65 10.21
C ARG A 209 6.24 -33.94 10.83
N VAL A 210 7.47 -33.92 11.34
CA VAL A 210 8.00 -35.11 11.94
C VAL A 210 7.78 -35.05 13.46
N ILE A 211 7.14 -36.09 14.01
CA ILE A 211 7.07 -36.26 15.46
C ILE A 211 8.51 -36.33 15.97
N GLY A 212 8.89 -35.34 16.80
CA GLY A 212 10.28 -35.21 17.28
C GLY A 212 11.05 -34.11 16.57
N GLY A 213 10.42 -33.53 15.54
CA GLY A 213 11.02 -32.49 14.72
C GLY A 213 11.99 -32.99 13.65
N MET A 214 12.23 -32.13 12.66
CA MET A 214 12.97 -32.50 11.46
C MET A 214 14.47 -32.74 11.72
N GLN A 215 14.97 -32.16 12.80
CA GLN A 215 16.36 -32.34 13.11
C GLN A 215 16.68 -33.80 13.39
N GLN A 216 15.70 -34.54 13.92
CA GLN A 216 15.86 -35.97 14.20
C GLN A 216 16.37 -36.73 12.97
N VAL A 217 15.94 -36.30 11.78
CA VAL A 217 16.40 -36.94 10.57
C VAL A 217 17.92 -36.92 10.49
N SER A 218 18.55 -35.79 10.81
CA SER A 218 20.00 -35.73 10.74
C SER A 218 20.65 -36.36 11.98
N ILE A 219 20.07 -36.10 13.15
CA ILE A 219 20.61 -36.67 14.39
C ILE A 219 20.71 -38.22 14.30
N ARG A 220 19.65 -38.87 13.79
CA ARG A 220 19.65 -40.33 13.69
C ARG A 220 20.70 -40.86 12.68
N MET A 221 20.78 -40.26 11.50
CA MET A 221 21.78 -40.65 10.52
C MET A 221 23.18 -40.52 11.11
N ALA A 222 23.40 -39.46 11.88
CA ALA A 222 24.71 -39.20 12.46
C ALA A 222 25.06 -40.11 13.65
N GLU A 223 24.04 -40.54 14.38
CA GLU A 223 24.26 -41.40 15.55
C GLU A 223 24.75 -42.72 15.05
N ALA A 224 24.23 -43.12 13.89
CA ALA A 224 24.62 -44.36 13.25
C ALA A 224 26.03 -44.32 12.66
N LEU A 225 26.60 -43.12 12.56
CA LEU A 225 27.95 -42.94 12.01
C LEU A 225 29.04 -42.88 13.08
N GLY A 226 28.63 -42.66 14.32
CA GLY A 226 29.54 -42.75 15.46
C GLY A 226 30.70 -41.78 15.43
N ASP A 227 31.90 -42.33 15.63
CA ASP A 227 33.15 -41.56 15.63
C ASP A 227 33.55 -41.01 14.27
N ASP A 228 32.84 -41.40 13.22
CA ASP A 228 33.09 -40.89 11.88
C ASP A 228 32.49 -39.49 11.62
N VAL A 229 31.76 -38.97 12.60
CA VAL A 229 31.23 -37.61 12.55
C VAL A 229 32.04 -36.72 13.48
N PHE A 230 32.63 -35.65 12.96
CA PHE A 230 33.36 -34.75 13.81
C PHE A 230 32.63 -33.42 13.92
N LEU A 231 32.28 -33.01 15.12
CA LEU A 231 31.68 -31.70 15.29
C LEU A 231 32.76 -30.64 15.63
N ASN A 232 32.37 -29.38 15.77
CA ASN A 232 33.28 -28.30 16.09
C ASN A 232 34.53 -28.29 15.23
N ALA A 233 34.35 -28.59 13.95
CA ALA A 233 35.48 -28.69 13.02
C ALA A 233 35.21 -28.02 11.66
N PRO A 234 35.24 -26.67 11.62
CA PRO A 234 35.18 -25.97 10.34
C PRO A 234 36.28 -26.41 9.41
N VAL A 235 35.94 -26.68 8.16
CA VAL A 235 36.94 -27.09 7.17
C VAL A 235 37.54 -25.87 6.52
N ARG A 236 38.86 -25.71 6.63
CA ARG A 236 39.58 -24.51 6.10
C ARG A 236 40.21 -24.63 4.71
N THR A 237 40.72 -25.81 4.38
CA THR A 237 41.54 -26.03 3.20
C THR A 237 41.22 -27.38 2.56
N VAL A 238 41.19 -27.42 1.23
CA VAL A 238 41.14 -28.67 0.48
C VAL A 238 42.27 -28.73 -0.53
N LYS A 239 43.30 -29.53 -0.23
CA LYS A 239 44.34 -29.87 -1.21
C LYS A 239 43.86 -31.08 -2.04
N TRP A 240 44.06 -31.06 -3.35
CA TRP A 240 43.56 -32.13 -4.20
C TRP A 240 44.34 -32.34 -5.46
N ASN A 241 44.03 -33.43 -6.14
CA ASN A 241 44.58 -33.79 -7.43
C ASN A 241 43.81 -34.97 -7.98
N GLU A 242 44.26 -35.50 -9.12
CA GLU A 242 43.74 -36.72 -9.81
C GLU A 242 43.29 -37.83 -8.88
N SER A 243 44.17 -38.18 -7.95
CA SER A 243 43.99 -39.36 -7.13
C SER A 243 43.15 -39.18 -5.85
N GLY A 244 43.11 -37.96 -5.33
CA GLY A 244 42.31 -37.70 -4.14
C GLY A 244 42.57 -36.39 -3.46
N ALA A 245 42.11 -36.26 -2.23
CA ALA A 245 42.22 -35.02 -1.53
C ALA A 245 42.55 -35.14 -0.04
N THR A 246 43.05 -34.05 0.51
CA THR A 246 43.32 -33.92 1.91
C THR A 246 42.45 -32.77 2.40
N VAL A 247 41.61 -33.02 3.38
CA VAL A 247 40.72 -32.02 3.94
C VAL A 247 41.26 -31.58 5.29
N LEU A 248 41.58 -30.30 5.44
CA LEU A 248 42.10 -29.83 6.71
C LEU A 248 40.99 -29.10 7.42
N ALA A 249 40.87 -29.33 8.72
CA ALA A 249 39.88 -28.63 9.53
C ALA A 249 40.42 -28.22 10.91
N ASP A 250 39.68 -27.37 11.60
CA ASP A 250 40.07 -26.86 12.90
C ASP A 250 40.20 -27.98 13.90
N GLY A 251 41.05 -27.75 14.90
CA GLY A 251 41.38 -28.76 15.91
C GLY A 251 42.33 -29.76 15.29
N ASP A 252 43.24 -29.26 14.44
CA ASP A 252 44.27 -30.05 13.76
C ASP A 252 43.73 -31.35 13.16
N ILE A 253 42.65 -31.24 12.42
CA ILE A 253 42.03 -32.39 11.73
C ILE A 253 42.41 -32.40 10.26
N ARG A 254 42.50 -33.59 9.70
CA ARG A 254 43.19 -33.82 8.44
C ARG A 254 42.69 -35.16 7.92
N VAL A 255 41.86 -35.13 6.89
CA VAL A 255 41.27 -36.37 6.34
C VAL A 255 41.80 -36.61 4.93
N GLU A 256 42.36 -37.79 4.69
CA GLU A 256 42.89 -38.11 3.40
C GLU A 256 41.97 -39.08 2.74
N ALA A 257 41.56 -38.79 1.50
CA ALA A 257 40.44 -39.50 0.87
C ALA A 257 40.49 -39.51 -0.63
N SER A 258 39.84 -40.49 -1.23
CA SER A 258 39.77 -40.58 -2.68
C SER A 258 38.86 -39.50 -3.28
N ARG A 259 37.80 -39.14 -2.56
CA ARG A 259 36.83 -38.15 -3.03
C ARG A 259 36.35 -37.25 -1.86
N VAL A 260 35.93 -36.02 -2.21
CA VAL A 260 35.37 -35.06 -1.24
C VAL A 260 33.94 -34.72 -1.60
N ILE A 261 33.04 -34.69 -0.63
CA ILE A 261 31.74 -34.07 -0.91
C ILE A 261 31.62 -32.73 -0.19
N LEU A 262 31.39 -31.69 -0.97
CA LEU A 262 31.09 -30.37 -0.41
C LEU A 262 29.58 -30.27 -0.22
N ALA A 263 29.14 -30.36 1.03
CA ALA A 263 27.72 -30.55 1.31
C ALA A 263 27.24 -29.34 2.06
N VAL A 264 27.57 -28.20 1.48
CA VAL A 264 27.31 -26.93 2.09
C VAL A 264 26.58 -26.11 1.03
N PRO A 265 25.79 -25.09 1.47
CA PRO A 265 25.12 -24.24 0.49
C PRO A 265 26.13 -23.44 -0.32
N PRO A 266 25.91 -23.28 -1.63
CA PRO A 266 26.87 -22.71 -2.62
C PRO A 266 27.53 -21.40 -2.18
N ASN A 267 26.84 -20.59 -1.40
CA ASN A 267 27.35 -19.26 -1.08
C ASN A 267 28.54 -19.32 -0.13
N LEU A 268 28.80 -20.51 0.40
CA LEU A 268 29.87 -20.74 1.36
C LEU A 268 30.99 -21.63 0.78
N TYR A 269 30.95 -21.91 -0.52
CA TYR A 269 32.03 -22.70 -1.10
C TYR A 269 33.36 -21.99 -0.85
N SER A 270 33.39 -20.66 -1.04
CA SER A 270 34.66 -19.95 -0.98
C SER A 270 35.10 -19.66 0.47
N ARG A 271 34.47 -20.29 1.44
CA ARG A 271 34.94 -20.24 2.81
C ARG A 271 36.19 -21.09 2.99
N ILE A 272 36.41 -22.00 2.03
CA ILE A 272 37.48 -22.98 2.04
C ILE A 272 38.50 -22.60 0.98
N SER A 273 39.80 -22.66 1.29
CA SER A 273 40.84 -22.46 0.25
C SER A 273 41.05 -23.77 -0.48
N TYR A 274 41.14 -23.70 -1.81
CA TYR A 274 41.35 -24.91 -2.58
C TYR A 274 42.73 -24.83 -3.16
N ASP A 275 43.50 -25.90 -2.96
CA ASP A 275 44.86 -25.98 -3.48
C ASP A 275 45.01 -27.19 -4.39
N PRO A 276 45.08 -26.94 -5.71
CA PRO A 276 45.09 -25.63 -6.34
C PRO A 276 43.69 -24.99 -6.45
N PRO A 277 43.63 -23.71 -6.86
CA PRO A 277 42.35 -23.00 -6.98
C PRO A 277 41.34 -23.72 -7.89
N LEU A 278 40.05 -23.60 -7.63
CA LEU A 278 39.12 -24.24 -8.54
C LEU A 278 39.18 -23.60 -9.98
N PRO A 279 38.62 -24.25 -11.00
CA PRO A 279 38.68 -23.60 -12.31
C PRO A 279 37.83 -22.32 -12.40
N ARG A 280 38.21 -21.48 -13.36
CA ARG A 280 37.53 -20.22 -13.59
C ARG A 280 36.02 -20.34 -13.52
N ARG A 281 35.50 -21.42 -14.05
CA ARG A 281 34.08 -21.56 -14.12
C ARG A 281 33.42 -21.64 -12.75
N GLN A 282 34.06 -22.34 -11.81
CA GLN A 282 33.50 -22.45 -10.48
C GLN A 282 33.65 -21.08 -9.79
N HIS A 283 34.82 -20.48 -10.04
CA HIS A 283 35.14 -19.15 -9.54
C HIS A 283 34.03 -18.12 -9.81
N GLN A 284 33.62 -18.06 -11.08
CA GLN A 284 32.48 -17.23 -11.51
C GLN A 284 31.12 -17.75 -11.04
N MET A 285 30.76 -18.98 -11.40
CA MET A 285 29.40 -19.44 -11.07
C MET A 285 29.08 -19.24 -9.57
N HIS A 286 30.04 -19.58 -8.70
CA HIS A 286 29.76 -19.50 -7.27
C HIS A 286 29.44 -18.08 -6.78
N GLN A 287 29.91 -17.05 -7.47
CA GLN A 287 29.62 -15.68 -7.06
C GLN A 287 28.16 -15.31 -7.34
N HIS A 288 27.53 -16.05 -8.24
CA HIS A 288 26.23 -15.64 -8.74
C HIS A 288 25.13 -16.35 -7.92
N GLN A 289 25.53 -17.09 -6.89
CA GLN A 289 24.58 -17.87 -6.08
C GLN A 289 24.40 -17.16 -4.79
N SER A 290 23.17 -17.03 -4.30
CA SER A 290 22.99 -16.36 -3.00
C SER A 290 21.76 -16.81 -2.24
N LEU A 291 21.82 -16.80 -0.91
CA LEU A 291 20.66 -17.17 -0.12
C LEU A 291 19.56 -16.11 -0.08
N GLY A 292 18.32 -16.52 0.12
CA GLY A 292 17.26 -15.57 0.40
C GLY A 292 17.26 -15.09 1.85
N LEU A 293 16.23 -14.36 2.24
CA LEU A 293 16.10 -14.02 3.63
C LEU A 293 14.65 -14.17 4.04
N VAL A 294 14.42 -14.80 5.18
CA VAL A 294 13.07 -14.85 5.73
C VAL A 294 13.19 -14.95 7.23
N ILE A 295 12.40 -14.14 7.94
CA ILE A 295 12.23 -14.32 9.39
C ILE A 295 11.12 -15.34 9.56
N LYS A 296 11.45 -16.44 10.24
CA LYS A 296 10.43 -17.41 10.64
C LYS A 296 10.03 -17.13 12.07
N VAL A 297 8.78 -16.76 12.22
CA VAL A 297 8.25 -16.26 13.48
C VAL A 297 7.48 -17.36 14.15
N HIS A 298 7.70 -17.46 15.47
CA HIS A 298 7.05 -18.40 16.31
C HIS A 298 6.38 -17.62 17.41
N ALA A 299 5.08 -17.84 17.55
CA ALA A 299 4.36 -17.32 18.71
C ALA A 299 3.60 -18.46 19.40
N VAL A 300 3.73 -18.55 20.72
CA VAL A 300 3.13 -19.61 21.48
C VAL A 300 2.09 -19.00 22.39
N TYR A 301 0.91 -19.65 22.45
CA TYR A 301 -0.23 -19.11 23.20
C TYR A 301 -0.80 -20.12 24.19
N GLU A 302 -1.53 -19.65 25.19
CA GLU A 302 -2.10 -20.54 26.23
C GLU A 302 -2.89 -21.71 25.62
N THR A 303 -3.66 -21.40 24.56
CA THR A 303 -4.43 -22.38 23.77
C THR A 303 -4.23 -22.03 22.32
N PRO A 304 -4.56 -22.97 21.40
CA PRO A 304 -4.60 -22.52 20.01
C PRO A 304 -5.90 -21.71 19.78
N PHE A 305 -5.86 -20.44 20.16
CA PHE A 305 -7.06 -19.63 20.33
C PHE A 305 -7.98 -19.46 19.11
N TRP A 306 -7.39 -19.43 17.92
CA TRP A 306 -8.10 -19.18 16.67
C TRP A 306 -9.11 -20.26 16.34
N ARG A 307 -8.82 -21.49 16.78
CA ARG A 307 -9.69 -22.63 16.50
C ARG A 307 -11.10 -22.43 17.11
N GLU A 308 -11.17 -21.70 18.23
CA GLU A 308 -12.43 -21.32 18.86
C GLU A 308 -13.29 -20.36 18.03
N ASP A 309 -12.65 -19.55 17.17
CA ASP A 309 -13.34 -18.66 16.22
C ASP A 309 -13.50 -19.34 14.89
N GLY A 310 -13.21 -20.63 14.83
CA GLY A 310 -13.52 -21.43 13.64
C GLY A 310 -12.55 -21.19 12.51
N LEU A 311 -11.32 -20.85 12.89
CA LEU A 311 -10.25 -20.53 11.95
C LEU A 311 -9.21 -21.64 11.94
N SER A 312 -8.47 -21.76 10.84
CA SER A 312 -7.46 -22.83 10.72
C SER A 312 -6.09 -22.37 11.18
N GLY A 313 -5.90 -21.05 11.20
CA GLY A 313 -4.61 -20.48 11.51
C GLY A 313 -3.85 -20.11 10.24
N THR A 314 -4.38 -20.49 9.09
CA THR A 314 -3.77 -20.13 7.81
C THR A 314 -4.15 -18.70 7.42
N GLY A 315 -3.16 -17.89 7.06
CA GLY A 315 -3.46 -16.61 6.43
C GLY A 315 -2.53 -16.36 5.28
N PHE A 316 -3.04 -15.69 4.24
CA PHE A 316 -2.16 -15.20 3.17
C PHE A 316 -2.42 -13.73 2.94
N GLY A 317 -1.36 -12.95 2.73
CA GLY A 317 -1.45 -11.51 2.54
C GLY A 317 -0.21 -10.99 1.86
N ALA A 318 -0.22 -11.01 0.53
CA ALA A 318 0.89 -10.51 -0.29
C ALA A 318 1.35 -9.12 0.12
N SER A 319 0.46 -8.26 0.61
CA SER A 319 0.88 -6.88 0.90
C SER A 319 1.12 -6.58 2.39
N GLU A 320 1.03 -7.62 3.22
CA GLU A 320 1.20 -7.46 4.66
C GLU A 320 2.65 -7.70 5.01
N VAL A 321 3.06 -7.22 6.17
CA VAL A 321 4.43 -7.43 6.53
C VAL A 321 4.63 -8.94 6.83
N VAL A 322 3.66 -9.58 7.47
CA VAL A 322 3.66 -11.04 7.54
C VAL A 322 2.80 -11.56 6.38
N GLN A 323 3.39 -12.30 5.44
CA GLN A 323 2.68 -12.80 4.24
C GLN A 323 1.94 -14.12 4.38
N GLU A 324 2.56 -15.09 5.05
CA GLU A 324 1.84 -16.31 5.44
C GLU A 324 1.87 -16.52 6.98
N VAL A 325 0.78 -17.11 7.48
CA VAL A 325 0.75 -17.67 8.82
C VAL A 325 0.08 -19.03 8.82
N TYR A 326 0.56 -19.92 9.65
CA TYR A 326 -0.07 -21.23 9.83
C TYR A 326 -0.04 -21.68 11.29
N ASP A 327 -1.04 -22.47 11.65
CA ASP A 327 -1.01 -23.28 12.86
C ASP A 327 0.21 -24.21 12.82
N ASN A 328 0.98 -24.20 13.91
CA ASN A 328 2.22 -24.93 13.99
C ASN A 328 2.30 -25.53 15.37
N THR A 329 1.12 -25.82 15.90
CA THR A 329 0.96 -26.52 17.15
C THR A 329 1.64 -27.88 17.12
N ASN A 330 2.59 -28.10 18.02
CA ASN A 330 3.28 -29.40 18.12
C ASN A 330 2.34 -30.57 18.40
N HIS A 331 2.81 -31.77 18.09
CA HIS A 331 2.04 -32.97 18.25
C HIS A 331 1.84 -33.12 19.74
N GLU A 332 0.58 -33.27 20.17
CA GLU A 332 0.21 -33.50 21.58
C GLU A 332 0.30 -32.29 22.51
N ASP A 333 0.73 -31.15 21.99
CA ASP A 333 0.82 -29.94 22.79
C ASP A 333 -0.59 -29.38 22.99
N ASP A 334 -0.88 -28.86 24.17
CA ASP A 334 -2.16 -28.19 24.41
C ASP A 334 -2.04 -26.67 24.19
N ARG A 335 -0.82 -26.13 24.29
CA ARG A 335 -0.57 -24.76 23.92
C ARG A 335 -0.58 -24.62 22.41
N GLY A 336 -1.18 -23.53 21.94
CA GLY A 336 -1.19 -23.24 20.51
C GLY A 336 0.06 -22.51 20.08
N THR A 337 0.55 -22.87 18.91
CA THR A 337 1.76 -22.28 18.36
C THR A 337 1.50 -21.82 16.92
N LEU A 338 1.89 -20.58 16.60
CA LEU A 338 1.80 -20.09 15.24
C LEU A 338 3.18 -20.04 14.60
N VAL A 339 3.20 -20.25 13.28
CA VAL A 339 4.41 -20.01 12.49
C VAL A 339 4.04 -19.00 11.42
N ALA A 340 4.85 -17.96 11.31
CA ALA A 340 4.60 -16.88 10.36
C ALA A 340 5.93 -16.46 9.66
N PHE A 341 5.82 -15.85 8.47
CA PHE A 341 7.00 -15.55 7.64
C PHE A 341 7.06 -14.12 7.16
N VAL A 342 8.19 -13.47 7.39
CA VAL A 342 8.49 -12.14 6.85
C VAL A 342 9.63 -12.31 5.87
N SER A 343 9.45 -11.89 4.62
CA SER A 343 10.35 -12.32 3.56
C SER A 343 11.09 -11.21 2.91
N ASP A 344 12.24 -11.54 2.37
CA ASP A 344 13.09 -10.65 1.58
C ASP A 344 13.19 -9.22 2.04
N GLU A 345 12.71 -8.28 1.24
CA GLU A 345 12.88 -6.84 1.58
C GLU A 345 12.13 -6.42 2.85
N LYS A 346 11.08 -7.18 3.17
CA LYS A 346 10.31 -6.88 4.36
C LYS A 346 11.01 -7.40 5.60
N ALA A 347 11.77 -8.47 5.46
CA ALA A 347 12.59 -8.93 6.56
C ALA A 347 13.63 -7.92 6.78
N ASP A 348 14.26 -7.40 5.73
CA ASP A 348 15.28 -6.33 5.89
C ASP A 348 14.70 -5.18 6.74
N ALA A 349 13.52 -4.72 6.34
CA ALA A 349 12.89 -3.59 6.98
C ALA A 349 12.64 -3.85 8.47
N MET A 350 12.22 -5.06 8.83
CA MET A 350 11.99 -5.40 10.22
C MET A 350 13.31 -5.48 10.98
N PHE A 351 14.33 -6.03 10.32
CA PHE A 351 15.66 -6.07 10.92
C PHE A 351 16.26 -4.68 11.16
N GLU A 352 15.77 -3.67 10.42
CA GLU A 352 16.18 -2.27 10.60
C GLU A 352 15.55 -1.66 11.91
N LEU A 353 14.58 -2.34 12.53
CA LEU A 353 13.92 -1.79 13.71
C LEU A 353 14.49 -2.43 14.97
N SER A 354 14.22 -1.87 16.13
CA SER A 354 14.63 -2.52 17.37
C SER A 354 13.94 -3.88 17.55
N ALA A 355 14.55 -4.76 18.33
CA ALA A 355 13.97 -6.07 18.60
C ALA A 355 12.55 -5.90 19.08
N GLU A 356 12.34 -4.86 19.89
CA GLU A 356 11.05 -4.58 20.53
C GLU A 356 10.05 -3.97 19.56
N GLU A 357 10.53 -3.10 18.67
CA GLU A 357 9.62 -2.47 17.71
C GLU A 357 9.29 -3.42 16.58
N ARG A 358 10.20 -4.32 16.23
CA ARG A 358 9.93 -5.38 15.24
C ARG A 358 8.85 -6.38 15.66
N LYS A 359 8.89 -6.79 16.93
CA LYS A 359 7.98 -7.74 17.53
C LYS A 359 6.55 -7.16 17.57
N ALA A 360 6.44 -5.87 17.92
CA ALA A 360 5.17 -5.18 17.97
C ALA A 360 4.54 -5.11 16.58
N THR A 361 5.39 -4.92 15.58
CA THR A 361 4.96 -4.74 14.20
C THR A 361 4.53 -6.08 13.58
N ILE A 362 5.27 -7.14 13.89
CA ILE A 362 4.93 -8.45 13.38
C ILE A 362 3.68 -8.97 14.08
N LEU A 363 3.61 -8.74 15.38
CA LEU A 363 2.49 -9.22 16.13
C LEU A 363 1.22 -8.49 15.73
N ALA A 364 1.36 -7.23 15.32
CA ALA A 364 0.22 -6.44 14.88
C ALA A 364 -0.28 -7.02 13.57
N SER A 365 0.65 -7.46 12.75
CA SER A 365 0.29 -8.09 11.49
C SER A 365 -0.46 -9.41 11.75
N LEU A 366 0.02 -10.19 12.71
CA LEU A 366 -0.60 -11.47 13.04
C LEU A 366 -2.01 -11.18 13.52
N ALA A 367 -2.10 -10.09 14.27
CA ALA A 367 -3.36 -9.65 14.79
C ALA A 367 -4.37 -9.34 13.69
N ARG A 368 -3.91 -8.77 12.57
CA ARG A 368 -4.80 -8.46 11.46
C ARG A 368 -5.32 -9.72 10.78
N TYR A 369 -4.61 -10.84 10.93
CA TYR A 369 -5.13 -12.08 10.43
C TYR A 369 -6.12 -12.72 11.39
N LEU A 370 -5.73 -12.86 12.67
CA LEU A 370 -6.46 -13.77 13.57
C LEU A 370 -6.90 -13.13 14.86
N GLY A 371 -6.75 -11.82 14.98
CA GLY A 371 -7.41 -11.13 16.06
C GLY A 371 -6.40 -10.70 17.11
N PRO A 372 -6.87 -9.97 18.14
CA PRO A 372 -5.93 -9.24 18.96
C PRO A 372 -5.33 -10.12 20.01
N LYS A 373 -5.86 -11.34 20.18
CA LYS A 373 -5.26 -12.31 21.08
C LYS A 373 -3.87 -12.68 20.59
N ALA A 374 -3.59 -12.39 19.32
CA ALA A 374 -2.30 -12.70 18.74
C ALA A 374 -1.21 -11.79 19.27
N GLU A 375 -1.60 -10.66 19.84
CA GLU A 375 -0.60 -9.72 20.37
C GLU A 375 -0.16 -10.06 21.77
N GLU A 376 -0.78 -11.10 22.33
CA GLU A 376 -0.54 -11.59 23.69
C GLU A 376 0.09 -12.99 23.71
N PRO A 377 1.26 -13.20 23.06
CA PRO A 377 1.83 -14.56 23.11
C PRO A 377 2.54 -14.89 24.44
N VAL A 378 2.78 -16.17 24.75
CA VAL A 378 3.54 -16.45 26.00
C VAL A 378 5.05 -16.64 25.75
N VAL A 379 5.40 -17.08 24.54
CA VAL A 379 6.79 -17.18 24.08
C VAL A 379 6.76 -16.58 22.71
N TYR A 380 7.79 -15.81 22.37
CA TYR A 380 7.91 -15.21 21.05
C TYR A 380 9.32 -15.39 20.60
N TYR A 381 9.51 -15.90 19.39
CA TYR A 381 10.88 -16.09 18.94
C TYR A 381 11.00 -15.93 17.47
N GLU A 382 12.16 -15.40 17.07
CA GLU A 382 12.46 -15.18 15.68
C GLU A 382 13.62 -16.05 15.24
N SER A 383 13.43 -16.80 14.17
CA SER A 383 14.55 -17.49 13.56
C SER A 383 15.53 -16.51 12.92
N ASP A 384 16.83 -16.78 13.05
CA ASP A 384 17.81 -15.87 12.48
C ASP A 384 18.96 -16.55 11.80
N TRP A 385 18.70 -17.13 10.63
CA TRP A 385 19.74 -17.83 9.90
C TRP A 385 20.78 -16.90 9.27
N GLY A 386 20.42 -15.64 9.05
CA GLY A 386 21.26 -14.68 8.33
C GLY A 386 22.45 -14.29 9.16
N SER A 387 22.27 -14.39 10.48
CA SER A 387 23.31 -14.04 11.42
C SER A 387 24.30 -15.18 11.59
N GLU A 388 23.85 -16.38 11.29
CA GLU A 388 24.65 -17.56 11.39
C GLU A 388 25.76 -17.66 10.34
N GLU A 389 27.02 -17.64 10.77
CA GLU A 389 28.10 -17.68 9.77
C GLU A 389 28.14 -18.97 8.96
N TRP A 390 27.61 -20.06 9.47
CA TRP A 390 27.53 -21.30 8.68
C TRP A 390 26.17 -21.57 7.97
N THR A 391 25.42 -20.51 7.70
CA THR A 391 24.29 -20.57 6.82
C THR A 391 24.28 -19.26 6.07
N ARG A 392 23.76 -18.21 6.71
CA ARG A 392 23.82 -16.81 6.21
C ARG A 392 22.54 -16.41 5.47
N GLY A 393 21.45 -17.10 5.76
CA GLY A 393 20.17 -16.82 5.12
C GLY A 393 19.35 -18.07 5.06
N CYS A 394 18.27 -18.06 4.29
CA CYS A 394 17.31 -19.16 4.40
C CYS A 394 16.21 -18.77 3.43
N TYR A 395 15.52 -19.73 2.81
CA TYR A 395 15.67 -21.14 3.03
C TYR A 395 16.75 -21.70 2.11
N THR A 396 16.86 -21.17 0.88
CA THR A 396 17.84 -21.68 -0.09
C THR A 396 18.61 -20.65 -0.89
N ALA A 397 19.71 -21.11 -1.50
CA ALA A 397 20.48 -20.29 -2.40
C ALA A 397 19.89 -20.43 -3.82
N SER A 398 19.89 -19.37 -4.58
CA SER A 398 19.41 -19.48 -5.95
C SER A 398 20.27 -18.56 -6.75
N PHE A 399 20.28 -18.74 -8.08
CA PHE A 399 21.07 -17.87 -8.95
C PHE A 399 20.50 -16.47 -8.99
N ASP A 400 21.35 -15.50 -9.35
CA ASP A 400 20.88 -14.17 -9.61
C ASP A 400 20.14 -14.20 -10.94
N LEU A 401 19.57 -13.09 -11.36
CA LEU A 401 18.92 -13.05 -12.66
C LEU A 401 19.89 -13.46 -13.77
N GLY A 402 19.54 -14.50 -14.50
CA GLY A 402 20.24 -14.92 -15.70
C GLY A 402 21.28 -15.98 -15.35
N GLY A 403 21.42 -16.22 -14.05
CA GLY A 403 22.42 -17.14 -13.55
C GLY A 403 22.10 -18.58 -13.85
N LEU A 404 20.83 -18.97 -13.74
CA LEU A 404 20.40 -20.37 -13.88
C LEU A 404 20.72 -20.96 -15.23
N HIS A 405 20.38 -20.27 -16.32
CA HIS A 405 20.66 -20.82 -17.65
C HIS A 405 22.13 -20.67 -17.99
N ARG A 406 22.77 -19.61 -17.52
CA ARG A 406 24.17 -19.43 -17.82
C ARG A 406 25.03 -20.50 -17.14
N TYR A 407 24.73 -20.86 -15.89
CA TYR A 407 25.58 -21.72 -15.04
C TYR A 407 25.00 -23.06 -14.65
N GLY A 408 23.68 -23.21 -14.85
CA GLY A 408 22.90 -24.34 -14.29
C GLY A 408 23.52 -25.67 -14.55
N ALA A 409 23.74 -25.96 -15.83
CA ALA A 409 24.40 -27.21 -16.27
C ALA A 409 25.73 -27.51 -15.52
N ASP A 410 26.44 -26.50 -15.04
CA ASP A 410 27.70 -26.76 -14.35
C ASP A 410 27.53 -26.98 -12.82
N SER A 411 26.34 -26.74 -12.29
CA SER A 411 26.19 -26.65 -10.84
C SER A 411 26.39 -27.97 -10.00
N ARG A 412 26.35 -29.13 -10.66
CA ARG A 412 26.51 -30.42 -10.01
C ARG A 412 27.76 -31.14 -10.51
N THR A 413 28.37 -30.61 -11.57
CA THR A 413 29.53 -31.26 -12.16
C THR A 413 30.64 -31.32 -11.14
N PRO A 414 31.12 -32.53 -10.85
CA PRO A 414 32.28 -32.63 -9.97
C PRO A 414 33.55 -32.00 -10.62
N VAL A 415 34.43 -31.47 -9.78
CA VAL A 415 35.70 -30.94 -10.25
C VAL A 415 36.77 -31.87 -9.70
N GLY A 416 37.31 -32.73 -10.58
CA GLY A 416 38.24 -33.78 -10.15
C GLY A 416 37.61 -34.65 -9.06
N PRO A 417 38.26 -34.77 -7.89
CA PRO A 417 37.73 -35.61 -6.82
C PRO A 417 36.64 -34.92 -5.98
N ILE A 418 36.43 -33.61 -6.25
CA ILE A 418 35.51 -32.76 -5.47
C ILE A 418 34.09 -32.85 -5.97
N HIS A 419 33.21 -33.40 -5.13
CA HIS A 419 31.76 -33.45 -5.45
C HIS A 419 30.93 -32.36 -4.73
N PHE A 420 29.72 -32.13 -5.20
CA PHE A 420 28.85 -31.08 -4.65
C PHE A 420 27.45 -31.58 -4.42
N SER A 421 27.01 -31.44 -3.18
CA SER A 421 25.72 -31.89 -2.80
C SER A 421 25.14 -30.94 -1.73
N CYS A 422 24.09 -30.21 -2.11
CA CYS A 422 23.16 -29.55 -1.18
C CYS A 422 21.78 -29.47 -1.80
N SER A 423 20.78 -29.11 -1.00
CA SER A 423 19.45 -28.93 -1.54
C SER A 423 19.34 -27.73 -2.48
N ASP A 424 20.28 -26.81 -2.41
CA ASP A 424 20.24 -25.61 -3.22
C ASP A 424 20.52 -25.85 -4.69
N ILE A 425 20.99 -27.05 -5.01
CA ILE A 425 21.25 -27.44 -6.39
C ILE A 425 20.47 -28.70 -6.78
N ALA A 426 19.45 -29.06 -6.01
CA ALA A 426 18.71 -30.28 -6.27
C ALA A 426 17.76 -30.13 -7.48
N ALA A 427 17.25 -31.26 -7.94
CA ALA A 427 16.21 -31.27 -8.95
C ALA A 427 14.92 -31.26 -8.16
N GLU A 428 14.22 -32.40 -8.10
CA GLU A 428 13.06 -32.54 -7.19
C GLU A 428 13.52 -32.22 -5.78
N GLY A 429 12.64 -31.56 -5.04
CA GLY A 429 12.91 -31.22 -3.64
C GLY A 429 13.78 -30.00 -3.49
N TYR A 430 14.03 -29.32 -4.61
CA TYR A 430 14.86 -28.15 -4.60
C TYR A 430 14.60 -27.36 -3.37
N GLY A 431 15.67 -27.09 -2.62
CA GLY A 431 15.58 -26.19 -1.49
C GLY A 431 15.00 -26.77 -0.21
N HIS A 432 14.54 -28.01 -0.27
CA HIS A 432 13.87 -28.60 0.88
C HIS A 432 14.70 -29.75 1.40
N VAL A 433 14.40 -30.23 2.59
CA VAL A 433 15.08 -31.40 3.07
C VAL A 433 15.03 -32.49 1.98
N ASP A 434 13.83 -32.75 1.44
CA ASP A 434 13.72 -33.75 0.38
C ASP A 434 14.76 -33.62 -0.70
N GLY A 435 15.07 -32.39 -1.09
CA GLY A 435 16.20 -32.12 -1.99
C GLY A 435 17.56 -32.50 -1.45
N ALA A 436 17.83 -32.15 -0.19
CA ALA A 436 19.14 -32.44 0.39
C ALA A 436 19.38 -33.96 0.36
N VAL A 437 18.35 -34.69 0.76
CA VAL A 437 18.39 -36.12 0.83
C VAL A 437 18.65 -36.66 -0.56
N ARG A 438 17.99 -36.08 -1.58
CA ARG A 438 18.15 -36.59 -2.94
C ARG A 438 19.57 -36.37 -3.45
N MET A 439 20.06 -35.16 -3.26
CA MET A 439 21.34 -34.81 -3.77
C MET A 439 22.44 -35.61 -3.11
N GLY A 440 22.31 -35.85 -1.80
CA GLY A 440 23.24 -36.69 -1.09
C GLY A 440 23.24 -38.08 -1.73
N GLN A 441 22.07 -38.61 -2.03
CA GLN A 441 22.03 -39.98 -2.49
C GLN A 441 22.54 -40.10 -3.91
N ARG A 442 22.21 -39.11 -4.75
CA ARG A 442 22.75 -39.05 -6.10
C ARG A 442 24.27 -38.88 -6.14
N THR A 443 24.81 -38.16 -5.17
CA THR A 443 26.25 -37.96 -5.07
C THR A 443 26.93 -39.27 -4.68
N ALA A 444 26.27 -40.02 -3.82
CA ALA A 444 26.86 -41.24 -3.31
C ALA A 444 26.86 -42.26 -4.45
N ALA A 445 25.75 -42.33 -5.18
CA ALA A 445 25.58 -43.27 -6.29
C ALA A 445 26.61 -42.98 -7.37
N ASP A 446 26.72 -41.70 -7.73
CA ASP A 446 27.67 -41.22 -8.69
C ASP A 446 29.09 -41.58 -8.23
N ILE A 447 29.38 -41.47 -6.94
CA ILE A 447 30.69 -41.91 -6.46
C ILE A 447 30.87 -43.41 -6.50
N ILE A 448 29.80 -44.15 -6.21
CA ILE A 448 29.85 -45.61 -6.23
C ILE A 448 30.19 -46.11 -7.65
N ALA A 449 29.44 -45.64 -8.64
CA ALA A 449 29.58 -46.04 -10.03
C ALA A 449 30.99 -45.85 -10.61
N ARG A 450 31.66 -44.75 -10.25
CA ARG A 450 33.03 -44.51 -10.68
C ARG A 450 34.05 -45.40 -9.95
N SER A 451 33.78 -45.69 -8.68
CA SER A 451 34.67 -46.58 -7.93
C SER A 451 34.33 -48.05 -8.14
N PRO B 2 -24.04 49.22 18.44
CA PRO B 2 -25.23 50.04 18.28
C PRO B 2 -26.39 49.25 17.67
N THR B 3 -27.48 49.93 17.37
CA THR B 3 -28.65 49.27 16.80
C THR B 3 -29.19 50.03 15.55
N LEU B 4 -29.59 49.30 14.50
CA LEU B 4 -29.93 49.88 13.17
C LEU B 4 -30.98 49.07 12.39
N GLN B 5 -31.70 49.70 11.46
CA GLN B 5 -32.67 48.98 10.59
C GLN B 5 -32.15 48.85 9.17
N ARG B 6 -32.40 47.70 8.56
CA ARG B 6 -32.08 47.42 7.16
C ARG B 6 -33.17 46.50 6.61
N ASP B 7 -33.29 46.42 5.28
CA ASP B 7 -34.16 45.43 4.61
C ASP B 7 -33.67 43.97 4.85
N VAL B 8 -32.36 43.75 4.67
CA VAL B 8 -31.75 42.43 4.83
C VAL B 8 -30.51 42.49 5.74
N ALA B 9 -30.46 41.59 6.72
CA ALA B 9 -29.23 41.44 7.51
C ALA B 9 -28.49 40.23 6.98
N ILE B 10 -27.21 40.36 6.69
CA ILE B 10 -26.46 39.25 6.13
C ILE B 10 -25.45 38.74 7.14
N VAL B 11 -25.53 37.46 7.48
CA VAL B 11 -24.63 36.89 8.47
C VAL B 11 -23.46 36.23 7.76
N GLY B 12 -22.26 36.78 7.92
CA GLY B 12 -21.06 36.28 7.23
C GLY B 12 -20.66 37.00 5.93
N ALA B 13 -19.39 37.40 5.85
CA ALA B 13 -18.90 38.16 4.73
C ALA B 13 -17.90 37.37 3.94
N GLY B 14 -18.22 36.11 3.69
CA GLY B 14 -17.55 35.34 2.66
C GLY B 14 -18.09 35.75 1.30
N PRO B 15 -17.58 35.13 0.23
CA PRO B 15 -18.02 35.59 -1.10
C PRO B 15 -19.55 35.46 -1.31
N SER B 16 -20.19 34.48 -0.65
CA SER B 16 -21.63 34.29 -0.80
C SER B 16 -22.46 35.39 -0.15
N GLY B 17 -22.18 35.69 1.12
CA GLY B 17 -22.84 36.85 1.75
C GLY B 17 -22.63 38.13 0.94
N LEU B 18 -21.37 38.44 0.60
CA LEU B 18 -21.08 39.72 -0.06
C LEU B 18 -21.76 39.84 -1.42
N ALA B 19 -21.75 38.75 -2.18
CA ALA B 19 -22.43 38.65 -3.46
C ALA B 19 -23.91 39.05 -3.33
N ALA B 20 -24.54 38.57 -2.25
CA ALA B 20 -25.93 38.88 -1.95
C ALA B 20 -26.12 40.36 -1.60
N ALA B 21 -25.28 40.86 -0.71
CA ALA B 21 -25.27 42.28 -0.38
C ALA B 21 -25.18 43.12 -1.66
N THR B 22 -24.17 42.84 -2.48
CA THR B 22 -23.96 43.54 -3.75
C THR B 22 -25.23 43.63 -4.60
N ALA B 23 -25.86 42.49 -4.85
CA ALA B 23 -27.04 42.40 -5.71
C ALA B 23 -28.25 43.05 -5.06
N LEU B 24 -28.31 43.03 -3.73
CA LEU B 24 -29.43 43.63 -3.02
C LEU B 24 -29.32 45.14 -3.13
N ARG B 25 -28.12 45.68 -2.91
CA ARG B 25 -27.88 47.10 -3.09
C ARG B 25 -28.27 47.54 -4.50
N LYS B 26 -27.80 46.79 -5.51
CA LYS B 26 -28.14 47.09 -6.90
C LYS B 26 -29.65 47.33 -7.08
N ALA B 27 -30.44 46.64 -6.27
CA ALA B 27 -31.90 46.70 -6.39
C ALA B 27 -32.53 47.74 -5.43
N GLY B 28 -31.69 48.59 -4.86
CA GLY B 28 -32.14 49.67 -3.98
C GLY B 28 -32.59 49.21 -2.60
N LEU B 29 -32.06 48.08 -2.15
CA LEU B 29 -32.38 47.57 -0.83
C LEU B 29 -31.19 47.76 0.09
N SER B 30 -31.46 48.06 1.35
CA SER B 30 -30.38 48.27 2.31
C SER B 30 -29.91 46.99 3.02
N VAL B 31 -28.62 46.92 3.32
CA VAL B 31 -28.03 45.72 3.92
C VAL B 31 -27.14 46.04 5.11
N ALA B 32 -26.97 45.05 5.98
CA ALA B 32 -25.88 45.05 6.96
C ALA B 32 -25.20 43.66 6.91
N VAL B 33 -23.89 43.63 6.69
CA VAL B 33 -23.22 42.33 6.66
C VAL B 33 -22.44 42.20 7.94
N ILE B 34 -22.71 41.16 8.71
CA ILE B 34 -22.09 41.03 10.03
C ILE B 34 -21.14 39.85 10.04
N GLU B 35 -19.84 40.15 10.17
CA GLU B 35 -18.78 39.14 10.04
C GLU B 35 -18.05 38.82 11.35
N ALA B 36 -17.74 37.56 11.60
CA ALA B 36 -17.09 37.15 12.86
C ALA B 36 -15.59 37.49 12.94
N ARG B 37 -14.89 37.36 11.81
CA ARG B 37 -13.44 37.58 11.78
C ARG B 37 -13.10 39.05 11.61
N ASP B 38 -11.81 39.35 11.77
CA ASP B 38 -11.27 40.70 11.55
C ASP B 38 -10.95 40.98 10.10
N ARG B 39 -11.57 40.21 9.18
CA ARG B 39 -11.37 40.31 7.73
C ARG B 39 -12.60 39.77 7.06
N VAL B 40 -12.74 40.07 5.76
CA VAL B 40 -13.79 39.44 4.91
C VAL B 40 -13.18 38.30 4.12
N GLY B 41 -14.04 37.52 3.46
CA GLY B 41 -13.60 36.57 2.42
C GLY B 41 -13.74 35.14 2.86
N GLY B 42 -13.89 34.93 4.17
CA GLY B 42 -14.07 33.58 4.72
C GLY B 42 -13.06 32.54 4.25
N ARG B 43 -13.53 31.58 3.46
CA ARG B 43 -12.69 30.49 3.00
C ARG B 43 -11.80 30.88 1.82
N THR B 44 -11.82 32.17 1.49
CA THR B 44 -10.79 32.71 0.61
C THR B 44 -9.94 33.66 1.44
N TRP B 45 -8.63 33.64 1.25
CA TRP B 45 -7.76 34.44 2.07
C TRP B 45 -6.34 34.48 1.50
N THR B 46 -5.91 35.67 1.07
CA THR B 46 -4.51 35.94 0.70
C THR B 46 -3.72 36.43 1.94
N ASP B 47 -2.53 35.90 2.20
CA ASP B 47 -1.69 36.40 3.33
C ASP B 47 -0.23 36.16 3.06
N THR B 48 0.62 37.06 3.55
CA THR B 48 2.07 36.92 3.43
C THR B 48 2.64 36.14 4.63
N ILE B 49 3.21 34.97 4.36
CA ILE B 49 3.95 34.16 5.34
C ILE B 49 5.42 34.16 4.92
N ASP B 50 6.29 34.49 5.89
CA ASP B 50 7.77 34.52 5.70
C ASP B 50 8.17 35.15 4.36
N GLY B 51 7.46 36.20 3.98
CA GLY B 51 7.78 36.93 2.77
C GLY B 51 7.21 36.35 1.50
N ALA B 52 6.32 35.37 1.61
CA ALA B 52 5.71 34.75 0.42
C ALA B 52 4.21 35.03 0.35
N VAL B 53 3.76 35.61 -0.76
CA VAL B 53 2.32 35.90 -0.91
C VAL B 53 1.59 34.61 -1.33
N LEU B 54 0.70 34.11 -0.47
CA LEU B 54 0.12 32.76 -0.57
C LEU B 54 -1.40 32.76 -0.46
N GLU B 55 -2.06 31.89 -1.23
CA GLU B 55 -3.53 31.87 -1.22
C GLU B 55 -3.97 30.76 -0.31
N ILE B 56 -4.24 31.13 0.93
CA ILE B 56 -4.56 30.13 1.95
C ILE B 56 -5.81 29.34 1.62
N GLY B 57 -6.82 29.99 1.03
CA GLY B 57 -8.08 29.31 0.72
C GLY B 57 -8.32 29.15 -0.77
N GLY B 58 -9.60 29.09 -1.16
CA GLY B 58 -9.98 29.01 -2.56
C GLY B 58 -9.20 29.96 -3.46
N GLN B 59 -8.86 29.51 -4.67
CA GLN B 59 -7.99 30.29 -5.53
C GLN B 59 -8.21 30.19 -7.06
N TRP B 60 -8.93 29.16 -7.49
CA TRP B 60 -8.92 28.80 -8.91
C TRP B 60 -10.21 29.05 -9.64
N VAL B 61 -10.09 29.28 -10.95
CA VAL B 61 -11.21 29.77 -11.76
C VAL B 61 -11.28 29.00 -13.08
N SER B 62 -12.36 28.22 -13.25
CA SER B 62 -12.49 27.34 -14.42
C SER B 62 -13.45 27.97 -15.43
N PRO B 63 -13.35 27.60 -16.74
CA PRO B 63 -14.13 28.31 -17.76
C PRO B 63 -15.64 28.19 -17.59
N ASP B 64 -16.13 27.12 -16.96
CA ASP B 64 -17.58 26.98 -16.76
C ASP B 64 -18.12 27.87 -15.60
N GLN B 65 -17.20 28.57 -14.90
CA GLN B 65 -17.54 29.42 -13.74
C GLN B 65 -17.88 30.87 -14.14
N THR B 66 -18.92 30.98 -14.97
CA THR B 66 -19.30 32.23 -15.64
C THR B 66 -19.88 33.31 -14.71
N ALA B 67 -20.63 32.90 -13.69
CA ALA B 67 -21.05 33.82 -12.67
C ALA B 67 -19.85 34.57 -12.10
N LEU B 68 -18.81 33.81 -11.75
CA LEU B 68 -17.59 34.35 -11.18
C LEU B 68 -16.76 35.10 -12.20
N ILE B 69 -16.71 34.60 -13.43
CA ILE B 69 -16.02 35.32 -14.49
C ILE B 69 -16.66 36.72 -14.72
N SER B 70 -17.99 36.76 -14.76
CA SER B 70 -18.78 38.01 -14.83
C SER B 70 -18.50 39.01 -13.74
N LEU B 71 -18.44 38.51 -12.50
CA LEU B 71 -18.17 39.34 -11.34
C LEU B 71 -16.73 39.86 -11.37
N LEU B 72 -15.77 38.98 -11.64
CA LEU B 72 -14.39 39.43 -11.80
C LEU B 72 -14.32 40.66 -12.71
N ASP B 73 -14.84 40.50 -13.93
CA ASP B 73 -14.82 41.57 -14.93
C ASP B 73 -15.59 42.82 -14.46
N GLU B 74 -16.66 42.63 -13.71
CA GLU B 74 -17.43 43.74 -13.17
C GLU B 74 -16.66 44.46 -12.06
N LEU B 75 -15.72 43.77 -11.41
CA LEU B 75 -14.96 44.38 -10.32
C LEU B 75 -13.58 44.90 -10.76
N GLY B 76 -13.31 44.79 -12.06
CA GLY B 76 -12.02 45.15 -12.63
C GLY B 76 -10.86 44.24 -12.25
N LEU B 77 -11.15 43.00 -11.86
CA LEU B 77 -10.08 42.06 -11.53
C LEU B 77 -9.78 41.19 -12.74
N LYS B 78 -8.50 40.87 -12.94
CA LYS B 78 -8.07 40.11 -14.11
C LYS B 78 -7.51 38.75 -13.69
N THR B 79 -7.29 37.85 -14.67
CA THR B 79 -6.85 36.47 -14.39
C THR B 79 -5.66 36.06 -15.24
N PHE B 80 -5.05 34.93 -14.90
CA PHE B 80 -3.90 34.42 -15.66
C PHE B 80 -3.89 32.88 -15.61
N GLU B 81 -3.19 32.22 -16.55
CA GLU B 81 -3.12 30.75 -16.65
C GLU B 81 -2.17 30.17 -15.62
N ARG B 82 -2.57 29.06 -14.99
CA ARG B 82 -1.61 28.18 -14.30
C ARG B 82 -0.59 27.74 -15.37
N TYR B 83 0.66 27.55 -14.96
CA TYR B 83 1.69 27.07 -15.88
C TYR B 83 1.35 25.64 -16.25
N ARG B 84 1.56 25.23 -17.51
CA ARG B 84 1.26 23.82 -17.89
C ARG B 84 2.18 23.15 -18.91
N GLU B 85 3.17 23.85 -19.44
CA GLU B 85 4.07 23.23 -20.39
C GLU B 85 4.84 22.08 -19.75
N GLY B 86 5.15 21.05 -20.53
CA GLY B 86 5.94 19.94 -20.05
C GLY B 86 5.13 18.73 -19.63
N GLU B 87 5.76 17.80 -18.91
CA GLU B 87 5.10 16.55 -18.56
C GLU B 87 4.54 16.46 -17.13
N SER B 88 3.40 15.80 -17.01
CA SER B 88 2.88 15.49 -15.70
C SER B 88 3.52 14.22 -15.19
N VAL B 89 3.41 14.02 -13.88
CA VAL B 89 3.95 12.86 -13.20
C VAL B 89 2.76 12.09 -12.63
N TYR B 90 2.68 10.80 -12.92
CA TYR B 90 1.68 9.92 -12.30
C TYR B 90 2.40 8.94 -11.40
N ILE B 91 1.84 8.66 -10.23
CA ILE B 91 2.38 7.60 -9.35
C ILE B 91 1.32 6.53 -9.13
N SER B 92 1.51 5.36 -9.74
CA SER B 92 0.60 4.23 -9.65
C SER B 92 0.28 3.70 -8.23
N SER B 93 -0.58 2.69 -8.17
CA SER B 93 -0.91 2.06 -6.90
C SER B 93 0.35 1.39 -6.32
N ALA B 94 1.13 0.82 -7.23
CA ALA B 94 2.33 0.09 -6.88
C ALA B 94 3.50 1.02 -6.49
N GLY B 95 3.29 2.33 -6.50
CA GLY B 95 4.37 3.27 -6.14
C GLY B 95 5.27 3.69 -7.29
N GLU B 96 5.03 3.15 -8.49
CA GLU B 96 5.81 3.53 -9.67
C GLU B 96 5.43 4.87 -10.34
N ARG B 97 6.43 5.74 -10.42
CA ARG B 97 6.35 7.13 -10.89
C ARG B 97 6.70 7.16 -12.37
N THR B 98 5.83 7.73 -13.21
CA THR B 98 5.95 7.72 -14.66
C THR B 98 5.57 9.10 -15.24
N ARG B 99 6.48 9.71 -16.02
CA ARG B 99 6.18 10.98 -16.67
C ARG B 99 5.22 10.75 -17.83
N TYR B 100 4.41 11.74 -18.15
CA TYR B 100 3.45 11.59 -19.25
C TYR B 100 2.95 12.96 -19.71
N THR B 101 2.67 13.06 -21.00
CA THR B 101 1.81 14.12 -21.52
C THR B 101 0.58 13.36 -21.92
N GLY B 102 -0.55 14.06 -21.97
CA GLY B 102 -1.77 13.42 -22.40
C GLY B 102 -2.92 13.69 -21.47
N ASP B 103 -4.12 13.36 -21.94
CA ASP B 103 -5.34 13.59 -21.18
C ASP B 103 -5.64 12.41 -20.26
N SER B 104 -5.00 11.27 -20.53
CA SER B 104 -5.18 10.07 -19.72
C SER B 104 -3.90 9.47 -19.11
N PHE B 105 -4.07 8.88 -17.93
CA PHE B 105 -2.98 8.33 -17.08
C PHE B 105 -2.24 7.13 -17.66
N PRO B 106 -0.89 7.10 -17.53
CA PRO B 106 -0.14 6.01 -18.17
C PRO B 106 -0.19 4.72 -17.33
N THR B 107 -1.35 4.08 -17.30
CA THR B 107 -1.51 2.80 -16.63
C THR B 107 -1.50 1.68 -17.67
N ASN B 108 -1.66 0.45 -17.26
CA ASN B 108 -1.76 -0.60 -18.23
C ASN B 108 -3.08 -0.44 -18.97
N GLU B 109 -3.27 -1.15 -20.08
CA GLU B 109 -4.48 -1.10 -20.91
C GLU B 109 -5.77 -1.32 -20.13
N THR B 110 -5.79 -2.35 -19.31
CA THR B 110 -7.00 -2.68 -18.56
C THR B 110 -7.48 -1.49 -17.76
N THR B 111 -6.62 -0.91 -16.92
CA THR B 111 -7.02 0.22 -16.08
C THR B 111 -7.43 1.40 -16.95
N LYS B 112 -6.69 1.62 -18.04
CA LYS B 112 -6.97 2.69 -18.96
C LYS B 112 -8.37 2.54 -19.50
N LYS B 113 -8.79 1.32 -19.85
CA LYS B 113 -10.08 1.11 -20.48
C LYS B 113 -11.23 1.31 -19.54
N GLU B 114 -11.06 0.82 -18.31
CA GLU B 114 -12.01 0.90 -17.21
C GLU B 114 -12.13 2.33 -16.71
N MET B 115 -11.03 3.07 -16.63
CA MET B 115 -11.15 4.51 -16.35
C MET B 115 -12.00 5.25 -17.36
N ASP B 116 -11.87 4.86 -18.62
CA ASP B 116 -12.61 5.51 -19.67
C ASP B 116 -14.06 5.23 -19.55
N ARG B 117 -14.36 3.99 -19.20
CA ARG B 117 -15.73 3.58 -19.09
C ARG B 117 -16.40 4.30 -17.93
N LEU B 118 -15.66 4.41 -16.82
CA LEU B 118 -16.10 5.10 -15.64
C LEU B 118 -16.25 6.62 -15.85
N ILE B 119 -15.35 7.22 -16.62
CA ILE B 119 -15.48 8.65 -16.91
C ILE B 119 -16.79 8.84 -17.69
N ASP B 120 -16.97 8.05 -18.75
CA ASP B 120 -18.17 8.11 -19.54
C ASP B 120 -19.41 7.85 -18.73
N GLU B 121 -19.34 6.89 -17.83
CA GLU B 121 -20.51 6.60 -17.06
C GLU B 121 -20.87 7.74 -16.11
N MET B 122 -19.86 8.43 -15.58
CA MET B 122 -20.08 9.56 -14.68
C MET B 122 -20.58 10.77 -15.48
N ASP B 123 -20.11 10.88 -16.71
CA ASP B 123 -20.51 12.00 -17.52
C ASP B 123 -22.00 11.88 -17.79
N ASP B 124 -22.45 10.68 -18.17
CA ASP B 124 -23.86 10.41 -18.51
C ASP B 124 -24.74 10.65 -17.29
N LEU B 125 -24.43 10.02 -16.16
CA LEU B 125 -25.20 10.25 -14.95
C LEU B 125 -25.29 11.75 -14.60
N ALA B 126 -24.19 12.47 -14.74
CA ALA B 126 -24.24 13.91 -14.48
C ALA B 126 -25.07 14.68 -15.50
N ALA B 127 -24.98 14.31 -16.77
CA ALA B 127 -25.82 14.97 -17.75
C ALA B 127 -27.33 14.72 -17.48
N GLN B 128 -27.69 13.48 -17.15
CA GLN B 128 -29.08 13.10 -16.83
C GLN B 128 -29.58 13.72 -15.51
N ILE B 129 -28.76 13.67 -14.46
CA ILE B 129 -29.21 14.06 -13.11
C ILE B 129 -29.09 15.59 -12.83
N GLY B 130 -28.02 16.20 -13.33
CA GLY B 130 -27.84 17.64 -13.15
C GLY B 130 -27.49 17.97 -11.72
N ALA B 131 -27.10 19.22 -11.48
CA ALA B 131 -26.69 19.70 -10.15
C ALA B 131 -27.80 20.51 -9.45
N GLU B 132 -28.87 20.85 -10.17
CA GLU B 132 -29.94 21.65 -9.60
C GLU B 132 -30.82 20.94 -8.56
N GLU B 133 -31.32 19.76 -8.90
CA GLU B 133 -32.04 18.99 -7.89
C GLU B 133 -31.75 17.50 -8.02
N PRO B 134 -30.49 17.10 -7.75
CA PRO B 134 -30.11 15.69 -7.89
C PRO B 134 -31.11 14.76 -7.19
N TRP B 135 -31.58 15.19 -6.02
CA TRP B 135 -32.51 14.42 -5.21
C TRP B 135 -33.82 14.11 -5.92
N ALA B 136 -34.24 14.97 -6.85
CA ALA B 136 -35.52 14.78 -7.52
C ALA B 136 -35.52 13.78 -8.67
N HIS B 137 -34.35 13.22 -8.98
CA HIS B 137 -34.23 12.32 -10.12
C HIS B 137 -34.67 10.93 -9.71
N PRO B 138 -35.37 10.24 -10.60
CA PRO B 138 -35.88 8.94 -10.17
C PRO B 138 -34.74 8.02 -9.78
N LEU B 139 -33.52 8.27 -10.27
CA LEU B 139 -32.41 7.41 -9.89
C LEU B 139 -31.78 7.77 -8.57
N ALA B 140 -32.31 8.79 -7.89
CA ALA B 140 -31.65 9.31 -6.70
C ALA B 140 -31.50 8.30 -5.56
N ARG B 141 -32.60 7.65 -5.15
CA ARG B 141 -32.61 6.73 -4.03
C ARG B 141 -31.50 5.68 -4.13
N ASP B 142 -31.49 4.93 -5.24
CA ASP B 142 -30.48 3.89 -5.45
C ASP B 142 -29.04 4.47 -5.35
N LEU B 143 -28.80 5.58 -6.03
CA LEU B 143 -27.49 6.19 -6.09
C LEU B 143 -27.06 6.82 -4.78
N ASP B 144 -28.00 7.22 -3.94
CA ASP B 144 -27.62 7.94 -2.73
C ASP B 144 -27.60 7.03 -1.49
N THR B 145 -27.82 5.73 -1.65
CA THR B 145 -27.81 4.85 -0.49
C THR B 145 -26.68 3.83 -0.62
N VAL B 146 -25.81 4.09 -1.57
CA VAL B 146 -24.66 3.26 -1.75
C VAL B 146 -23.48 4.20 -1.72
N SER B 147 -22.42 3.84 -1.01
CA SER B 147 -21.24 4.70 -0.99
C SER B 147 -20.62 4.74 -2.37
N PHE B 148 -19.95 5.84 -2.69
CA PHE B 148 -19.17 5.92 -3.93
C PHE B 148 -18.14 4.81 -4.01
N LYS B 149 -17.45 4.49 -2.92
CA LYS B 149 -16.60 3.29 -2.91
C LYS B 149 -17.35 2.04 -3.43
N GLN B 150 -18.52 1.74 -2.85
CA GLN B 150 -19.23 0.48 -3.16
C GLN B 150 -19.75 0.51 -4.60
N TRP B 151 -20.23 1.70 -5.01
CA TRP B 151 -20.71 1.94 -6.38
C TRP B 151 -19.61 1.57 -7.37
N LEU B 152 -18.39 2.08 -7.12
CA LEU B 152 -17.31 1.77 -8.02
C LEU B 152 -17.02 0.30 -7.98
N ILE B 153 -17.19 -0.32 -6.82
CA ILE B 153 -16.89 -1.74 -6.77
C ILE B 153 -17.87 -2.44 -7.69
N ASN B 154 -19.15 -2.03 -7.62
CA ASN B 154 -20.23 -2.59 -8.46
C ASN B 154 -20.01 -2.44 -9.96
N GLN B 155 -19.34 -1.37 -10.34
CA GLN B 155 -19.10 -1.02 -11.73
C GLN B 155 -17.84 -1.65 -12.32
N SER B 156 -16.81 -1.87 -11.50
CA SER B 156 -15.51 -2.22 -12.07
C SER B 156 -14.68 -3.10 -11.12
N ASP B 157 -13.98 -4.05 -11.71
CA ASP B 157 -13.18 -4.94 -10.90
C ASP B 157 -11.76 -4.42 -10.63
N ASP B 158 -11.43 -3.25 -11.19
CA ASP B 158 -10.07 -2.74 -11.28
C ASP B 158 -9.76 -1.72 -10.19
N ALA B 159 -9.07 -2.21 -9.16
CA ALA B 159 -8.70 -1.42 -8.02
C ALA B 159 -8.11 -0.07 -8.42
N GLU B 160 -7.17 -0.06 -9.35
CA GLU B 160 -6.43 1.17 -9.62
C GLU B 160 -7.32 2.21 -10.29
N ALA B 161 -8.24 1.76 -11.14
CA ALA B 161 -9.15 2.68 -11.80
C ALA B 161 -10.07 3.31 -10.78
N ARG B 162 -10.68 2.47 -9.92
CA ARG B 162 -11.54 2.99 -8.86
C ARG B 162 -10.78 3.97 -7.97
N ASP B 163 -9.54 3.62 -7.60
CA ASP B 163 -8.72 4.55 -6.83
C ASP B 163 -8.55 5.87 -7.56
N ASN B 164 -8.28 5.83 -8.87
CA ASN B 164 -8.12 7.03 -9.67
C ASN B 164 -9.38 7.80 -9.91
N ILE B 165 -10.49 7.12 -10.12
CA ILE B 165 -11.75 7.87 -10.20
C ILE B 165 -12.04 8.52 -8.86
N GLY B 166 -11.88 7.77 -7.76
CA GLY B 166 -12.07 8.32 -6.41
C GLY B 166 -11.22 9.55 -6.08
N LEU B 167 -9.93 9.52 -6.38
CA LEU B 167 -9.09 10.72 -6.30
C LEU B 167 -9.87 11.99 -6.78
N PHE B 168 -10.54 11.94 -7.93
CA PHE B 168 -11.08 13.22 -8.42
C PHE B 168 -12.25 13.75 -7.62
N ILE B 169 -12.96 12.88 -6.90
CA ILE B 169 -14.16 13.31 -6.23
C ILE B 169 -13.88 13.35 -4.77
N ALA B 170 -13.35 12.26 -4.28
CA ALA B 170 -13.10 12.11 -2.87
C ALA B 170 -12.00 13.09 -2.43
N GLY B 171 -10.75 12.88 -2.79
CA GLY B 171 -9.71 13.83 -2.38
C GLY B 171 -9.81 15.18 -3.06
N GLY B 172 -10.36 15.14 -4.27
CA GLY B 172 -10.43 16.31 -5.14
C GLY B 172 -11.51 17.34 -4.84
N MET B 173 -12.66 16.96 -4.29
CA MET B 173 -13.80 17.88 -4.14
C MET B 173 -14.41 17.80 -2.77
N LEU B 174 -14.81 16.61 -2.37
CA LEU B 174 -15.53 16.42 -1.12
C LEU B 174 -14.61 16.33 0.10
N THR B 175 -13.30 16.09 -0.14
CA THR B 175 -12.26 15.82 0.89
C THR B 175 -12.73 14.96 2.03
N LYS B 176 -13.36 13.83 1.68
CA LYS B 176 -13.81 12.83 2.60
C LYS B 176 -13.48 11.53 1.91
N PRO B 177 -13.31 10.45 2.69
CA PRO B 177 -13.01 9.19 2.02
C PRO B 177 -14.21 8.73 1.22
N ALA B 178 -13.97 8.02 0.12
CA ALA B 178 -15.04 7.50 -0.73
C ALA B 178 -16.05 6.59 -0.04
N HIS B 179 -15.70 5.99 1.08
CA HIS B 179 -16.65 5.14 1.77
C HIS B 179 -17.71 5.93 2.52
N SER B 180 -17.53 7.25 2.62
CA SER B 180 -18.35 8.09 3.51
C SER B 180 -19.39 8.99 2.82
N PHE B 181 -19.38 9.02 1.49
CA PHE B 181 -20.39 9.76 0.73
C PHE B 181 -20.93 8.92 -0.46
N SER B 182 -22.12 9.26 -0.96
CA SER B 182 -22.82 8.33 -1.87
C SER B 182 -22.51 8.54 -3.33
N ALA B 183 -22.72 7.53 -4.15
CA ALA B 183 -22.61 7.76 -5.58
C ALA B 183 -23.30 9.08 -5.99
N LEU B 184 -24.49 9.34 -5.45
CA LEU B 184 -25.28 10.46 -5.92
C LEU B 184 -24.51 11.73 -5.67
N GLN B 185 -23.78 11.76 -4.56
CA GLN B 185 -22.99 12.93 -4.19
C GLN B 185 -21.82 13.09 -5.15
N ALA B 186 -21.19 11.99 -5.53
CA ALA B 186 -20.20 12.06 -6.57
C ALA B 186 -20.80 12.60 -7.87
N VAL B 187 -22.01 12.13 -8.26
CA VAL B 187 -22.63 12.57 -9.51
C VAL B 187 -22.89 14.08 -9.49
N LEU B 188 -23.46 14.54 -8.38
CA LEU B 188 -23.72 15.96 -8.11
C LEU B 188 -22.44 16.79 -8.29
N MET B 189 -21.31 16.31 -7.75
CA MET B 189 -20.04 17.02 -7.86
C MET B 189 -19.66 17.22 -9.30
N ALA B 190 -19.77 16.14 -10.07
CA ALA B 190 -19.42 16.22 -11.46
C ALA B 190 -20.36 17.19 -12.22
N ALA B 191 -21.66 17.12 -11.96
CA ALA B 191 -22.61 17.97 -12.66
C ALA B 191 -22.37 19.42 -12.34
N SER B 192 -21.87 19.68 -11.14
CA SER B 192 -21.62 21.07 -10.76
C SER B 192 -20.42 21.68 -11.48
N ALA B 193 -19.50 20.86 -11.95
CA ALA B 193 -18.39 21.39 -12.74
C ALA B 193 -18.75 21.34 -14.23
N GLY B 194 -19.95 20.87 -14.51
CA GLY B 194 -20.42 20.77 -15.87
C GLY B 194 -20.18 19.42 -16.51
N SER B 195 -19.42 18.57 -15.83
CA SER B 195 -19.26 17.15 -16.19
C SER B 195 -18.12 16.52 -15.41
N PHE B 196 -18.05 15.19 -15.37
CA PHE B 196 -16.87 14.51 -14.79
C PHE B 196 -15.59 14.69 -15.61
N SER B 197 -15.71 14.70 -16.94
CA SER B 197 -14.54 14.93 -17.79
C SER B 197 -13.88 16.24 -17.42
N HIS B 198 -14.67 17.24 -17.01
CA HIS B 198 -14.10 18.54 -16.65
C HIS B 198 -13.34 18.47 -15.37
N LEU B 199 -13.84 17.67 -14.42
CA LEU B 199 -13.11 17.41 -13.17
C LEU B 199 -11.76 16.75 -13.41
N VAL B 200 -11.69 15.96 -14.46
CA VAL B 200 -10.53 15.13 -14.74
C VAL B 200 -9.38 15.94 -15.34
N ASP B 201 -9.72 16.78 -16.30
CA ASP B 201 -8.75 17.63 -16.94
C ASP B 201 -8.46 18.86 -16.05
N GLU B 202 -7.39 18.81 -15.25
CA GLU B 202 -6.93 19.97 -14.47
C GLU B 202 -6.70 21.28 -15.30
N ASP B 203 -6.46 21.15 -16.62
CA ASP B 203 -6.33 22.34 -17.50
C ASP B 203 -7.66 23.05 -17.60
N PHE B 204 -8.67 22.41 -17.03
CA PHE B 204 -9.98 22.97 -16.99
C PHE B 204 -10.33 23.45 -15.58
N ILE B 205 -10.44 22.52 -14.62
CA ILE B 205 -10.92 22.85 -13.27
C ILE B 205 -9.92 23.74 -12.51
N LEU B 206 -8.64 23.55 -12.83
CA LEU B 206 -7.57 24.35 -12.23
C LEU B 206 -6.93 25.34 -13.22
N ASP B 207 -7.75 25.88 -14.13
CA ASP B 207 -7.30 26.70 -15.26
C ASP B 207 -6.57 27.95 -14.77
N LYS B 208 -7.29 28.86 -14.11
CA LYS B 208 -6.84 30.24 -13.90
C LYS B 208 -6.92 30.72 -12.46
N ARG B 209 -6.17 31.79 -12.18
CA ARG B 209 -6.14 32.41 -10.89
C ARG B 209 -6.37 33.90 -11.05
N VAL B 210 -6.66 34.57 -9.93
CA VAL B 210 -6.92 36.01 -9.95
C VAL B 210 -5.64 36.78 -9.61
N ILE B 211 -5.23 37.68 -10.51
CA ILE B 211 -4.12 38.60 -10.24
C ILE B 211 -4.45 39.44 -9.00
N GLY B 212 -3.67 39.22 -7.94
CA GLY B 212 -3.96 39.81 -6.63
C GLY B 212 -4.71 38.91 -5.66
N GLY B 213 -4.99 37.68 -6.08
CA GLY B 213 -5.54 36.66 -5.18
C GLY B 213 -7.07 36.67 -5.11
N MET B 214 -7.65 35.55 -4.67
CA MET B 214 -9.09 35.35 -4.73
C MET B 214 -9.82 36.17 -3.68
N GLN B 215 -9.08 36.50 -2.63
CA GLN B 215 -9.63 37.32 -1.57
C GLN B 215 -10.09 38.71 -2.06
N GLN B 216 -9.39 39.22 -3.08
CA GLN B 216 -9.75 40.51 -3.66
C GLN B 216 -11.22 40.53 -4.06
N VAL B 217 -11.74 39.39 -4.51
CA VAL B 217 -13.15 39.34 -4.89
C VAL B 217 -14.04 39.80 -3.74
N SER B 218 -13.82 39.27 -2.54
CA SER B 218 -14.60 39.69 -1.37
C SER B 218 -14.19 41.07 -0.83
N ILE B 219 -12.88 41.36 -0.81
CA ILE B 219 -12.40 42.67 -0.37
C ILE B 219 -13.06 43.80 -1.15
N ARG B 220 -13.09 43.69 -2.48
CA ARG B 220 -13.68 44.74 -3.32
C ARG B 220 -15.19 44.91 -3.12
N MET B 221 -15.94 43.81 -3.13
CA MET B 221 -17.38 43.89 -2.84
C MET B 221 -17.62 44.59 -1.50
N ALA B 222 -16.80 44.29 -0.50
CA ALA B 222 -16.95 44.85 0.84
C ALA B 222 -16.51 46.32 0.94
N GLU B 223 -15.51 46.70 0.16
CA GLU B 223 -15.07 48.10 0.10
C GLU B 223 -16.19 48.96 -0.40
N ALA B 224 -16.97 48.44 -1.36
CA ALA B 224 -18.11 49.16 -1.92
C ALA B 224 -19.31 49.23 -0.95
N LEU B 225 -19.27 48.46 0.13
CA LEU B 225 -20.39 48.43 1.09
C LEU B 225 -20.17 49.35 2.29
N GLY B 226 -18.90 49.66 2.55
CA GLY B 226 -18.54 50.70 3.50
C GLY B 226 -18.85 50.35 4.94
N ASP B 227 -19.45 51.31 5.64
CA ASP B 227 -19.91 51.16 7.03
C ASP B 227 -20.98 50.10 7.24
N ASP B 228 -21.57 49.62 6.14
CA ASP B 228 -22.57 48.55 6.19
C ASP B 228 -22.00 47.14 6.43
N VAL B 229 -20.67 47.02 6.39
CA VAL B 229 -19.98 45.79 6.76
C VAL B 229 -19.36 45.93 8.15
N PHE B 230 -19.69 45.03 9.07
CA PHE B 230 -19.13 45.10 10.40
C PHE B 230 -18.18 43.92 10.58
N LEU B 231 -16.94 44.18 10.95
CA LEU B 231 -16.03 43.07 11.23
C LEU B 231 -16.07 42.78 12.74
N ASN B 232 -15.20 41.87 13.17
CA ASN B 232 -15.13 41.45 14.58
C ASN B 232 -16.47 41.33 15.30
N ALA B 233 -17.47 40.80 14.61
CA ALA B 233 -18.80 40.70 15.19
C ALA B 233 -19.48 39.33 14.94
N PRO B 234 -19.09 38.31 15.73
CA PRO B 234 -19.82 37.02 15.75
C PRO B 234 -21.31 37.22 16.09
N VAL B 235 -22.20 36.74 15.22
CA VAL B 235 -23.62 36.76 15.49
C VAL B 235 -23.94 35.63 16.47
N ARG B 236 -24.62 35.96 17.57
CA ARG B 236 -24.96 34.97 18.62
C ARG B 236 -26.40 34.52 18.63
N THR B 237 -27.32 35.42 18.27
CA THR B 237 -28.76 35.21 18.43
C THR B 237 -29.57 35.78 17.25
N VAL B 238 -30.57 35.00 16.77
CA VAL B 238 -31.57 35.49 15.82
C VAL B 238 -32.99 35.37 16.36
N LYS B 239 -33.58 36.49 16.78
CA LYS B 239 -35.00 36.52 17.14
C LYS B 239 -35.78 36.82 15.87
N TRP B 240 -36.87 36.08 15.63
CA TRP B 240 -37.61 36.23 14.37
C TRP B 240 -39.10 35.92 14.46
N ASN B 241 -39.81 36.26 13.38
CA ASN B 241 -41.24 35.98 13.21
C ASN B 241 -41.69 36.28 11.77
N GLU B 242 -42.98 36.15 11.49
CA GLU B 242 -43.60 36.54 10.20
C GLU B 242 -42.93 37.74 9.51
N SER B 243 -42.84 38.85 10.23
CA SER B 243 -42.54 40.16 9.65
C SER B 243 -41.05 40.47 9.50
N GLY B 244 -40.21 39.82 10.30
CA GLY B 244 -38.77 40.03 10.19
C GLY B 244 -37.99 39.53 11.37
N ALA B 245 -36.76 40.02 11.49
CA ALA B 245 -35.83 39.50 12.48
C ALA B 245 -34.94 40.55 13.15
N THR B 246 -34.46 40.20 14.34
CA THR B 246 -33.43 40.96 15.04
C THR B 246 -32.18 40.09 15.15
N VAL B 247 -31.06 40.59 14.65
CA VAL B 247 -29.79 39.86 14.64
C VAL B 247 -28.90 40.45 15.70
N LEU B 248 -28.53 39.66 16.69
CA LEU B 248 -27.69 40.14 17.78
C LEU B 248 -26.27 39.66 17.56
N ALA B 249 -25.29 40.56 17.74
CA ALA B 249 -23.90 40.19 17.58
C ALA B 249 -23.02 40.82 18.65
N ASP B 250 -21.81 40.27 18.78
CA ASP B 250 -20.80 40.78 19.71
C ASP B 250 -20.47 42.25 19.47
N GLY B 251 -20.01 42.91 20.55
CA GLY B 251 -19.84 44.36 20.57
C GLY B 251 -21.18 45.08 20.56
N ASP B 252 -22.16 44.53 21.30
CA ASP B 252 -23.51 45.08 21.45
C ASP B 252 -24.10 45.54 20.10
N ILE B 253 -24.07 44.65 19.11
CA ILE B 253 -24.63 44.95 17.80
C ILE B 253 -25.99 44.27 17.66
N ARG B 254 -26.87 44.91 16.90
CA ARG B 254 -28.28 44.57 16.91
C ARG B 254 -28.90 45.15 15.63
N VAL B 255 -29.19 44.29 14.67
CA VAL B 255 -29.74 44.72 13.38
C VAL B 255 -31.16 44.23 13.26
N GLU B 256 -32.05 45.16 12.92
CA GLU B 256 -33.46 44.86 12.75
C GLU B 256 -33.75 44.87 11.27
N ALA B 257 -34.31 43.77 10.77
CA ALA B 257 -34.50 43.60 9.33
C ALA B 257 -35.76 42.82 8.93
N SER B 258 -36.20 43.03 7.68
CA SER B 258 -37.30 42.27 7.08
C SER B 258 -36.89 40.82 6.86
N ARG B 259 -35.63 40.62 6.45
CA ARG B 259 -35.09 39.28 6.13
C ARG B 259 -33.64 39.09 6.63
N VAL B 260 -33.25 37.83 6.83
CA VAL B 260 -31.90 37.46 7.22
C VAL B 260 -31.30 36.51 6.20
N ILE B 261 -30.03 36.71 5.85
CA ILE B 261 -29.34 35.68 5.09
C ILE B 261 -28.28 35.07 5.97
N LEU B 262 -28.35 33.76 6.10
CA LEU B 262 -27.34 33.02 6.81
C LEU B 262 -26.34 32.53 5.74
N ALA B 263 -25.20 33.22 5.68
CA ALA B 263 -24.24 33.01 4.61
C ALA B 263 -23.00 32.40 5.20
N VAL B 264 -23.23 31.33 5.95
CA VAL B 264 -22.18 30.59 6.61
C VAL B 264 -22.30 29.14 6.18
N PRO B 265 -21.19 28.36 6.28
CA PRO B 265 -21.30 26.93 5.96
C PRO B 265 -22.23 26.21 6.95
N PRO B 266 -23.02 25.23 6.46
CA PRO B 266 -24.11 24.56 7.19
C PRO B 266 -23.73 24.05 8.55
N ASN B 267 -22.52 23.52 8.69
CA ASN B 267 -22.13 22.90 9.94
C ASN B 267 -22.05 23.91 11.08
N LEU B 268 -22.13 25.21 10.75
CA LEU B 268 -22.06 26.27 11.73
C LEU B 268 -23.40 27.00 11.94
N TYR B 269 -24.51 26.45 11.43
CA TYR B 269 -25.80 27.07 11.65
C TYR B 269 -26.11 27.10 13.15
N SER B 270 -25.87 25.99 13.83
CA SER B 270 -26.18 25.89 15.26
C SER B 270 -25.17 26.60 16.19
N ARG B 271 -24.33 27.46 15.61
CA ARG B 271 -23.53 28.40 16.39
C ARG B 271 -24.42 29.53 16.95
N ILE B 272 -25.54 29.78 16.29
CA ILE B 272 -26.46 30.86 16.60
C ILE B 272 -27.71 30.30 17.30
N SER B 273 -28.20 30.99 18.34
CA SER B 273 -29.47 30.60 18.97
C SER B 273 -30.62 31.20 18.18
N TYR B 274 -31.63 30.37 17.91
CA TYR B 274 -32.75 30.90 17.21
C TYR B 274 -33.95 30.96 18.13
N ASP B 275 -34.57 32.15 18.17
CA ASP B 275 -35.73 32.44 18.99
C ASP B 275 -36.92 32.86 18.09
N PRO B 276 -37.87 31.93 17.86
CA PRO B 276 -37.95 30.60 18.45
C PRO B 276 -37.04 29.60 17.73
N PRO B 277 -36.89 28.38 18.28
CA PRO B 277 -36.06 27.35 17.66
C PRO B 277 -36.48 27.11 16.22
N LEU B 278 -35.57 26.67 15.36
CA LEU B 278 -35.95 26.37 13.97
C LEU B 278 -36.83 25.10 13.92
N PRO B 279 -37.53 24.84 12.80
CA PRO B 279 -38.34 23.59 12.75
C PRO B 279 -37.51 22.28 12.82
N ARG B 280 -38.09 21.26 13.44
CA ARG B 280 -37.49 19.93 13.55
C ARG B 280 -36.67 19.55 12.33
N ARG B 281 -37.20 19.82 11.15
CA ARG B 281 -36.52 19.47 9.92
C ARG B 281 -35.15 20.10 9.78
N GLN B 282 -35.01 21.39 10.07
CA GLN B 282 -33.68 22.03 10.04
C GLN B 282 -32.79 21.49 11.16
N HIS B 283 -33.38 21.24 12.32
CA HIS B 283 -32.69 20.65 13.47
C HIS B 283 -31.95 19.37 13.11
N GLN B 284 -32.63 18.52 12.34
CA GLN B 284 -32.10 17.24 11.90
C GLN B 284 -31.19 17.40 10.71
N MET B 285 -31.71 17.93 9.62
CA MET B 285 -30.87 18.10 8.42
C MET B 285 -29.49 18.67 8.71
N HIS B 286 -29.42 19.72 9.54
CA HIS B 286 -28.16 20.40 9.80
C HIS B 286 -27.14 19.54 10.52
N GLN B 287 -27.59 18.54 11.28
CA GLN B 287 -26.64 17.62 11.91
C GLN B 287 -25.90 16.67 10.91
N HIS B 288 -26.50 16.50 9.74
CA HIS B 288 -26.04 15.52 8.77
C HIS B 288 -25.15 16.21 7.75
N GLN B 289 -24.86 17.49 7.99
CA GLN B 289 -23.90 18.24 7.13
C GLN B 289 -22.54 18.36 7.80
N SER B 290 -21.46 18.17 7.06
CA SER B 290 -20.11 18.30 7.64
C SER B 290 -19.06 18.68 6.61
N LEU B 291 -18.06 19.44 7.03
CA LEU B 291 -16.94 19.74 6.14
C LEU B 291 -15.97 18.58 6.04
N GLY B 292 -15.29 18.48 4.90
CA GLY B 292 -14.15 17.57 4.78
C GLY B 292 -12.88 18.16 5.42
N LEU B 293 -11.76 17.55 5.13
CA LEU B 293 -10.50 18.10 5.63
C LEU B 293 -9.42 17.89 4.60
N VAL B 294 -8.66 18.94 4.37
CA VAL B 294 -7.51 18.86 3.48
C VAL B 294 -6.42 19.81 3.96
N ILE B 295 -5.20 19.31 4.03
CA ILE B 295 -4.06 20.20 4.23
C ILE B 295 -3.67 20.75 2.86
N LYS B 296 -3.76 22.05 2.68
CA LYS B 296 -3.24 22.69 1.47
C LYS B 296 -1.80 23.13 1.70
N VAL B 297 -0.87 22.43 1.07
CA VAL B 297 0.55 22.64 1.28
C VAL B 297 1.13 23.63 0.28
N HIS B 298 1.96 24.51 0.80
CA HIS B 298 2.65 25.50 -0.01
C HIS B 298 4.16 25.35 0.20
N ALA B 299 4.89 25.18 -0.89
CA ALA B 299 6.34 25.11 -0.80
C ALA B 299 6.93 26.06 -1.82
N VAL B 300 7.74 27.01 -1.35
CA VAL B 300 8.35 28.03 -2.20
C VAL B 300 9.82 27.69 -2.40
N TYR B 301 10.32 27.90 -3.63
CA TYR B 301 11.70 27.51 -4.00
C TYR B 301 12.40 28.64 -4.75
N GLU B 302 13.75 28.58 -4.77
CA GLU B 302 14.56 29.66 -5.39
C GLU B 302 14.15 29.95 -6.85
N THR B 303 13.80 28.87 -7.56
CA THR B 303 13.30 28.92 -8.91
C THR B 303 12.15 27.92 -8.98
N PRO B 304 11.29 28.01 -10.01
CA PRO B 304 10.42 26.84 -10.24
C PRO B 304 11.27 25.70 -10.85
N PHE B 305 11.95 24.96 -9.98
CA PHE B 305 13.02 24.07 -10.42
C PHE B 305 12.62 22.96 -11.38
N TRP B 306 11.43 22.39 -11.19
CA TRP B 306 10.90 21.31 -12.02
C TRP B 306 10.88 21.66 -13.52
N ARG B 307 10.56 22.90 -13.85
CA ARG B 307 10.48 23.34 -15.25
C ARG B 307 11.77 23.04 -16.05
N GLU B 308 12.91 23.04 -15.36
CA GLU B 308 14.23 22.70 -15.94
C GLU B 308 14.40 21.23 -16.33
N ASP B 309 13.74 20.31 -15.61
CA ASP B 309 13.64 18.88 -15.98
C ASP B 309 12.47 18.64 -16.95
N GLY B 310 11.77 19.70 -17.37
CA GLY B 310 10.76 19.58 -18.42
C GLY B 310 9.46 19.04 -17.87
N LEU B 311 9.18 19.41 -16.61
CA LEU B 311 8.00 19.01 -15.91
C LEU B 311 7.05 20.17 -15.78
N SER B 312 5.77 19.88 -15.59
CA SER B 312 4.77 20.95 -15.41
C SER B 312 4.50 21.28 -13.93
N GLY B 313 4.92 20.39 -13.03
CA GLY B 313 4.60 20.51 -11.63
C GLY B 313 3.37 19.70 -11.24
N THR B 314 2.64 19.18 -12.24
CA THR B 314 1.42 18.44 -11.98
C THR B 314 1.77 17.03 -11.56
N GLY B 315 1.14 16.51 -10.52
CA GLY B 315 1.40 15.14 -10.12
C GLY B 315 0.08 14.65 -9.61
N PHE B 316 -0.17 13.33 -9.80
CA PHE B 316 -1.33 12.67 -9.23
C PHE B 316 -0.86 11.33 -8.70
N GLY B 317 -1.34 10.95 -7.51
CA GLY B 317 -0.97 9.70 -6.89
C GLY B 317 -2.00 9.24 -5.88
N ALA B 318 -2.97 8.46 -6.31
CA ALA B 318 -4.07 8.11 -5.44
C ALA B 318 -3.57 7.39 -4.17
N SER B 319 -2.43 6.73 -4.23
CA SER B 319 -1.95 6.01 -3.04
C SER B 319 -0.87 6.72 -2.25
N GLU B 320 -0.52 7.94 -2.63
CA GLU B 320 0.55 8.72 -2.00
C GLU B 320 -0.04 9.58 -0.91
N VAL B 321 0.78 9.95 0.06
CA VAL B 321 0.30 10.82 1.11
C VAL B 321 -0.07 12.20 0.51
N VAL B 322 0.71 12.70 -0.45
CA VAL B 322 0.25 13.88 -1.19
C VAL B 322 -0.34 13.34 -2.49
N GLN B 323 -1.62 13.62 -2.76
CA GLN B 323 -2.33 13.01 -3.89
C GLN B 323 -2.28 13.84 -5.18
N GLU B 324 -2.35 15.15 -5.04
CA GLU B 324 -2.08 16.02 -6.17
C GLU B 324 -1.03 17.10 -5.82
N VAL B 325 -0.29 17.53 -6.85
CA VAL B 325 0.58 18.66 -6.70
C VAL B 325 0.54 19.46 -8.01
N TYR B 326 0.64 20.76 -7.91
CA TYR B 326 0.59 21.60 -9.11
C TYR B 326 1.56 22.75 -8.95
N ASP B 327 2.01 23.29 -10.06
CA ASP B 327 2.70 24.55 -10.10
C ASP B 327 1.73 25.65 -9.68
N ASN B 328 2.15 26.44 -8.69
CA ASN B 328 1.31 27.50 -8.13
C ASN B 328 2.11 28.78 -7.97
N THR B 329 3.09 28.93 -8.87
CA THR B 329 3.91 30.12 -8.99
C THR B 329 3.04 31.33 -9.27
N ASN B 330 3.11 32.32 -8.38
CA ASN B 330 2.37 33.58 -8.56
C ASN B 330 2.70 34.32 -9.86
N HIS B 331 1.77 35.17 -10.27
CA HIS B 331 1.94 35.94 -11.49
C HIS B 331 3.15 36.82 -11.26
N GLU B 332 4.11 36.77 -12.19
CA GLU B 332 5.31 37.64 -12.17
C GLU B 332 6.39 37.28 -11.14
N ASP B 333 6.14 36.26 -10.33
CA ASP B 333 7.12 35.82 -9.33
C ASP B 333 8.22 35.02 -10.04
N ASP B 334 9.49 35.25 -9.69
CA ASP B 334 10.59 34.44 -10.20
C ASP B 334 10.86 33.22 -9.30
N ARG B 335 10.44 33.28 -8.04
CA ARG B 335 10.50 32.09 -7.19
C ARG B 335 9.42 31.10 -7.56
N GLY B 336 9.76 29.82 -7.52
CA GLY B 336 8.77 28.80 -7.81
C GLY B 336 7.99 28.43 -6.57
N THR B 337 6.73 28.06 -6.78
CA THR B 337 5.83 27.78 -5.67
C THR B 337 5.02 26.55 -6.05
N LEU B 338 5.00 25.55 -5.18
CA LEU B 338 4.12 24.42 -5.38
C LEU B 338 2.85 24.51 -4.52
N VAL B 339 1.79 23.87 -4.97
CA VAL B 339 0.63 23.63 -4.13
C VAL B 339 0.36 22.14 -4.13
N ALA B 340 0.20 21.60 -2.94
CA ALA B 340 -0.05 20.17 -2.78
C ALA B 340 -1.22 19.94 -1.82
N PHE B 341 -1.81 18.75 -1.85
CA PHE B 341 -3.00 18.47 -1.04
C PHE B 341 -2.95 17.12 -0.36
N VAL B 342 -3.25 17.10 0.93
CA VAL B 342 -3.29 15.83 1.69
C VAL B 342 -4.71 15.76 2.20
N SER B 343 -5.40 14.64 1.96
CA SER B 343 -6.87 14.65 2.12
C SER B 343 -7.41 13.73 3.17
N ASP B 344 -8.56 14.10 3.70
CA ASP B 344 -9.34 13.26 4.60
C ASP B 344 -8.51 12.49 5.60
N GLU B 345 -8.54 11.18 5.54
CA GLU B 345 -7.93 10.38 6.57
C GLU B 345 -6.40 10.53 6.61
N LYS B 346 -5.81 10.89 5.47
CA LYS B 346 -4.37 11.09 5.39
C LYS B 346 -4.01 12.45 6.01
N ALA B 347 -4.86 13.45 5.83
CA ALA B 347 -4.70 14.67 6.60
C ALA B 347 -4.69 14.33 8.10
N ASP B 348 -5.66 13.53 8.58
CA ASP B 348 -5.71 13.14 9.99
C ASP B 348 -4.37 12.56 10.43
N ALA B 349 -3.91 11.56 9.68
CA ALA B 349 -2.67 10.84 9.97
C ALA B 349 -1.43 11.76 10.04
N MET B 350 -1.38 12.77 9.16
CA MET B 350 -0.33 13.78 9.22
C MET B 350 -0.48 14.71 10.42
N PHE B 351 -1.71 15.10 10.73
CA PHE B 351 -1.97 15.94 11.91
C PHE B 351 -1.72 15.17 13.23
N GLU B 352 -1.62 13.84 13.15
CA GLU B 352 -1.23 13.04 14.31
C GLU B 352 0.29 13.10 14.57
N LEU B 353 1.06 13.69 13.66
CA LEU B 353 2.52 13.72 13.80
C LEU B 353 2.95 15.11 14.21
N SER B 354 4.20 15.22 14.69
CA SER B 354 4.77 16.53 15.07
C SER B 354 4.86 17.46 13.86
N ALA B 355 4.88 18.77 14.08
CA ALA B 355 4.87 19.72 12.97
C ALA B 355 6.03 19.38 12.06
N GLU B 356 7.12 18.99 12.70
CA GLU B 356 8.40 18.70 12.05
C GLU B 356 8.41 17.33 11.36
N GLU B 357 7.75 16.34 11.94
CA GLU B 357 7.71 15.02 11.32
C GLU B 357 6.72 14.97 10.15
N ARG B 358 5.66 15.79 10.22
CA ARG B 358 4.67 15.96 9.16
C ARG B 358 5.31 16.58 7.91
N LYS B 359 6.08 17.67 8.12
CA LYS B 359 6.77 18.38 7.04
C LYS B 359 7.72 17.46 6.29
N ALA B 360 8.38 16.58 7.03
CA ALA B 360 9.39 15.73 6.42
C ALA B 360 8.69 14.68 5.56
N THR B 361 7.46 14.34 5.94
CA THR B 361 6.76 13.24 5.31
C THR B 361 6.08 13.76 4.07
N ILE B 362 5.52 14.96 4.15
CA ILE B 362 4.91 15.60 3.00
C ILE B 362 5.96 15.95 1.95
N LEU B 363 7.06 16.54 2.39
CA LEU B 363 8.11 16.92 1.46
C LEU B 363 8.73 15.70 0.80
N ALA B 364 8.79 14.58 1.51
CA ALA B 364 9.28 13.34 0.89
C ALA B 364 8.33 12.86 -0.19
N SER B 365 7.03 13.05 0.03
CA SER B 365 6.06 12.73 -0.99
C SER B 365 6.27 13.63 -2.19
N LEU B 366 6.37 14.93 -1.96
CA LEU B 366 6.63 15.87 -3.05
C LEU B 366 7.84 15.41 -3.82
N ALA B 367 8.85 15.00 -3.08
CA ALA B 367 10.12 14.57 -3.70
C ALA B 367 9.89 13.38 -4.63
N ARG B 368 9.01 12.45 -4.25
CA ARG B 368 8.71 11.33 -5.09
C ARG B 368 8.07 11.74 -6.42
N TYR B 369 7.46 12.92 -6.46
CA TYR B 369 6.91 13.41 -7.71
C TYR B 369 7.93 14.11 -8.57
N LEU B 370 8.68 15.05 -7.99
CA LEU B 370 9.44 16.00 -8.79
C LEU B 370 10.90 16.11 -8.39
N GLY B 371 11.37 15.20 -7.52
CA GLY B 371 12.78 15.02 -7.29
C GLY B 371 13.16 15.58 -5.97
N PRO B 372 14.46 15.45 -5.58
CA PRO B 372 14.82 15.77 -4.21
C PRO B 372 14.93 17.27 -3.95
N LYS B 373 14.97 18.12 -4.99
CA LYS B 373 15.03 19.56 -4.76
C LYS B 373 13.80 20.00 -3.98
N ALA B 374 12.75 19.18 -4.04
CA ALA B 374 11.51 19.45 -3.36
C ALA B 374 11.66 19.42 -1.83
N GLU B 375 12.65 18.70 -1.32
CA GLU B 375 12.86 18.65 0.12
C GLU B 375 13.57 19.88 0.70
N GLU B 376 13.93 20.81 -0.18
CA GLU B 376 14.69 22.02 0.15
C GLU B 376 13.88 23.26 -0.15
N PRO B 377 12.73 23.45 0.50
CA PRO B 377 12.03 24.71 0.15
C PRO B 377 12.54 25.90 0.93
N VAL B 378 12.22 27.13 0.52
CA VAL B 378 12.65 28.30 1.27
C VAL B 378 11.54 28.77 2.24
N VAL B 379 10.27 28.53 1.89
CA VAL B 379 9.14 28.84 2.76
C VAL B 379 8.31 27.61 2.64
N TYR B 380 7.77 27.15 3.77
CA TYR B 380 6.93 25.97 3.81
C TYR B 380 5.75 26.30 4.71
N TYR B 381 4.53 26.09 4.23
CA TYR B 381 3.36 26.44 5.02
C TYR B 381 2.22 25.50 4.76
N GLU B 382 1.46 25.26 5.82
CA GLU B 382 0.28 24.42 5.77
C GLU B 382 -0.96 25.25 6.08
N SER B 383 -1.90 25.27 5.14
CA SER B 383 -3.23 25.79 5.43
C SER B 383 -3.95 24.99 6.53
N ASP B 384 -4.64 25.69 7.42
CA ASP B 384 -5.25 24.99 8.52
C ASP B 384 -6.65 25.46 8.80
N TRP B 385 -7.63 24.98 8.03
CA TRP B 385 -8.98 25.53 8.17
C TRP B 385 -9.73 24.85 9.28
N GLY B 386 -9.30 23.64 9.61
CA GLY B 386 -9.96 22.83 10.64
C GLY B 386 -9.79 23.37 12.04
N SER B 387 -8.68 24.06 12.26
CA SER B 387 -8.43 24.74 13.54
C SER B 387 -9.23 26.01 13.74
N GLU B 388 -9.63 26.63 12.63
CA GLU B 388 -10.40 27.86 12.60
C GLU B 388 -11.85 27.70 13.06
N GLU B 389 -12.23 28.32 14.18
CA GLU B 389 -13.59 28.15 14.69
C GLU B 389 -14.69 28.65 13.74
N TRP B 390 -14.38 29.61 12.87
CA TRP B 390 -15.39 30.06 11.88
C TRP B 390 -15.31 29.40 10.45
N THR B 391 -14.69 28.23 10.40
CA THR B 391 -14.75 27.38 9.24
C THR B 391 -14.80 25.93 9.72
N ARG B 392 -13.66 25.39 10.15
CA ARG B 392 -13.62 24.07 10.82
C ARG B 392 -13.47 22.94 9.80
N GLY B 393 -12.86 23.24 8.66
CA GLY B 393 -12.69 22.25 7.61
C GLY B 393 -12.61 22.90 6.25
N CYS B 394 -12.48 22.08 5.21
CA CYS B 394 -12.20 22.57 3.87
CA CYS B 394 -12.34 22.56 3.84
C CYS B 394 -12.34 21.39 2.93
N TYR B 395 -12.77 21.58 1.68
CA TYR B 395 -13.19 22.86 1.07
C TYR B 395 -14.69 23.14 1.32
N THR B 396 -15.52 22.09 1.37
CA THR B 396 -16.99 22.27 1.54
C THR B 396 -17.70 21.28 2.46
N ALA B 397 -18.91 21.63 2.88
CA ALA B 397 -19.71 20.72 3.67
C ALA B 397 -20.49 19.86 2.69
N SER B 398 -20.68 18.61 3.03
CA SER B 398 -21.53 17.73 2.24
C SER B 398 -22.34 16.93 3.20
N PHE B 399 -23.39 16.28 2.70
CA PHE B 399 -24.21 15.42 3.53
C PHE B 399 -23.45 14.13 3.89
N ASP B 400 -23.86 13.47 4.96
CA ASP B 400 -23.34 12.17 5.25
C ASP B 400 -23.96 11.21 4.24
N LEU B 401 -23.67 9.93 4.36
CA LEU B 401 -24.23 8.98 3.42
C LEU B 401 -25.78 8.91 3.54
N GLY B 402 -26.47 9.07 2.43
CA GLY B 402 -27.91 9.02 2.47
C GLY B 402 -28.55 10.34 2.82
N GLY B 403 -27.72 11.31 3.17
CA GLY B 403 -28.17 12.65 3.51
C GLY B 403 -28.73 13.47 2.35
N LEU B 404 -28.12 13.38 1.19
CA LEU B 404 -28.49 14.25 0.08
C LEU B 404 -29.93 14.09 -0.39
N HIS B 405 -30.39 12.86 -0.55
CA HIS B 405 -31.73 12.62 -1.06
C HIS B 405 -32.74 12.82 0.05
N ARG B 406 -32.34 12.45 1.26
CA ARG B 406 -33.21 12.60 2.39
C ARG B 406 -33.55 14.05 2.66
N TYR B 407 -32.55 14.93 2.57
CA TYR B 407 -32.65 16.34 2.99
C TYR B 407 -32.41 17.39 1.91
N GLY B 408 -31.86 16.98 0.76
CA GLY B 408 -31.47 17.91 -0.32
C GLY B 408 -32.52 18.94 -0.72
N ALA B 409 -33.73 18.45 -1.04
CA ALA B 409 -34.87 19.30 -1.35
C ALA B 409 -35.17 20.43 -0.32
N ASP B 410 -34.81 20.25 0.95
CA ASP B 410 -35.02 21.26 1.99
C ASP B 410 -33.85 22.23 2.22
N SER B 411 -32.72 21.98 1.55
CA SER B 411 -31.45 22.64 1.91
C SER B 411 -31.37 24.17 1.64
N ARG B 412 -32.25 24.67 0.77
CA ARG B 412 -32.23 26.05 0.34
C ARG B 412 -33.52 26.74 0.70
N THR B 413 -34.46 25.96 1.23
CA THR B 413 -35.77 26.48 1.53
C THR B 413 -35.59 27.48 2.67
N PRO B 414 -36.15 28.69 2.50
CA PRO B 414 -36.14 29.65 3.59
C PRO B 414 -37.08 29.22 4.72
N VAL B 415 -36.71 29.58 5.96
CA VAL B 415 -37.57 29.37 7.14
C VAL B 415 -38.02 30.75 7.53
N GLY B 416 -39.27 31.09 7.15
CA GLY B 416 -39.85 32.39 7.44
C GLY B 416 -39.03 33.49 6.80
N PRO B 417 -38.48 34.38 7.62
CA PRO B 417 -37.64 35.44 7.05
C PRO B 417 -36.16 35.03 6.87
N ILE B 418 -35.83 33.80 7.32
CA ILE B 418 -34.44 33.38 7.35
C ILE B 418 -34.10 32.69 6.05
N HIS B 419 -33.16 33.26 5.30
CA HIS B 419 -32.64 32.64 4.06
C HIS B 419 -31.28 31.97 4.27
N PHE B 420 -30.90 31.11 3.32
CA PHE B 420 -29.64 30.36 3.39
C PHE B 420 -28.88 30.46 2.09
N SER B 421 -27.62 30.88 2.24
CA SER B 421 -26.74 31.05 1.12
C SER B 421 -25.28 30.73 1.45
N CYS B 422 -24.80 29.60 0.95
CA CYS B 422 -23.37 29.29 0.91
C CYS B 422 -23.07 28.36 -0.28
N SER B 423 -21.79 28.29 -0.67
CA SER B 423 -21.41 27.41 -1.76
C SER B 423 -21.71 25.93 -1.44
N ASP B 424 -21.88 25.61 -0.15
CA ASP B 424 -22.02 24.22 0.25
C ASP B 424 -23.34 23.65 -0.14
N ILE B 425 -24.24 24.54 -0.58
CA ILE B 425 -25.60 24.17 -1.00
C ILE B 425 -25.92 24.71 -2.36
N ALA B 426 -24.90 25.02 -3.14
CA ALA B 426 -25.12 25.57 -4.46
C ALA B 426 -25.47 24.50 -5.45
N ALA B 427 -25.97 24.92 -6.62
CA ALA B 427 -26.13 24.00 -7.74
C ALA B 427 -24.78 23.98 -8.50
N GLU B 428 -24.71 24.67 -9.65
CA GLU B 428 -23.44 24.87 -10.34
C GLU B 428 -22.52 25.57 -9.38
N GLY B 429 -21.23 25.25 -9.48
CA GLY B 429 -20.20 25.83 -8.67
C GLY B 429 -20.16 25.27 -7.27
N TYR B 430 -20.99 24.27 -7.02
CA TYR B 430 -20.99 23.60 -5.73
C TYR B 430 -19.60 23.61 -5.14
N GLY B 431 -19.49 24.16 -3.95
CA GLY B 431 -18.27 24.07 -3.18
C GLY B 431 -17.16 25.04 -3.56
N HIS B 432 -17.38 25.78 -4.62
CA HIS B 432 -16.38 26.71 -5.13
C HIS B 432 -16.88 28.16 -5.00
N VAL B 433 -15.97 29.11 -5.15
CA VAL B 433 -16.34 30.54 -5.11
C VAL B 433 -17.51 30.79 -6.05
N ASP B 434 -17.39 30.30 -7.29
CA ASP B 434 -18.51 30.38 -8.25
C ASP B 434 -19.86 29.95 -7.67
N GLY B 435 -19.89 28.93 -6.83
CA GLY B 435 -21.12 28.59 -6.12
C GLY B 435 -21.57 29.64 -5.11
N ALA B 436 -20.62 30.14 -4.34
CA ALA B 436 -20.93 31.13 -3.33
C ALA B 436 -21.58 32.34 -4.00
N VAL B 437 -20.93 32.83 -5.05
CA VAL B 437 -21.44 33.96 -5.80
C VAL B 437 -22.81 33.61 -6.32
N ARG B 438 -23.02 32.41 -6.87
CA ARG B 438 -24.32 32.08 -7.44
C ARG B 438 -25.38 32.01 -6.38
N MET B 439 -25.05 31.39 -5.25
CA MET B 439 -26.04 31.23 -4.21
C MET B 439 -26.44 32.56 -3.64
N GLY B 440 -25.44 33.45 -3.49
CA GLY B 440 -25.70 34.80 -3.06
C GLY B 440 -26.67 35.52 -3.98
N GLN B 441 -26.51 35.34 -5.29
CA GLN B 441 -27.30 36.13 -6.23
C GLN B 441 -28.68 35.61 -6.34
N ARG B 442 -28.82 34.28 -6.30
CA ARG B 442 -30.14 33.67 -6.27
C ARG B 442 -30.91 34.06 -5.00
N THR B 443 -30.21 34.19 -3.87
CA THR B 443 -30.86 34.51 -2.63
C THR B 443 -31.37 35.95 -2.72
N ALA B 444 -30.57 36.81 -3.32
CA ALA B 444 -30.93 38.21 -3.41
C ALA B 444 -32.16 38.29 -4.31
N ALA B 445 -32.09 37.58 -5.44
CA ALA B 445 -33.17 37.60 -6.45
C ALA B 445 -34.49 37.09 -5.86
N ASP B 446 -34.37 36.01 -5.08
CA ASP B 446 -35.49 35.40 -4.39
C ASP B 446 -36.08 36.39 -3.39
N ILE B 447 -35.22 37.10 -2.66
CA ILE B 447 -35.72 38.14 -1.75
C ILE B 447 -36.34 39.33 -2.46
N ILE B 448 -35.76 39.72 -3.61
CA ILE B 448 -36.33 40.81 -4.42
C ILE B 448 -37.75 40.46 -4.88
N ALA B 449 -37.92 39.26 -5.44
CA ALA B 449 -39.20 38.80 -6.00
C ALA B 449 -40.39 38.84 -5.00
N ARG B 450 -40.12 38.45 -3.76
CA ARG B 450 -41.13 38.48 -2.71
C ARG B 450 -41.42 39.91 -2.24
N SER B 451 -40.38 40.74 -2.12
CA SER B 451 -40.50 42.11 -1.68
C SER B 451 -40.95 43.01 -2.82
PA FAD C . 22.53 -27.49 5.35
O1A FAD C . 22.80 -26.03 5.46
O2A FAD C . 21.35 -27.93 6.22
O5B FAD C . 23.86 -28.25 5.74
C5B FAD C . 25.14 -27.65 5.54
C4B FAD C . 26.03 -27.92 6.74
O4B FAD C . 27.30 -27.53 6.37
C3B FAD C . 25.71 -27.06 7.96
O3B FAD C . 25.57 -27.92 9.08
C2B FAD C . 26.91 -26.15 8.13
O2B FAD C . 27.32 -25.93 9.45
C1B FAD C . 27.97 -26.97 7.47
N9A FAD C . 29.12 -26.21 6.97
C8A FAD C . 29.10 -25.13 6.13
N7A FAD C . 30.37 -24.79 5.84
C5A FAD C . 31.21 -25.65 6.49
C6A FAD C . 32.59 -25.72 6.55
N6A FAD C . 33.37 -24.87 5.86
N1A FAD C . 33.14 -26.72 7.33
C2A FAD C . 32.34 -27.62 8.02
N3A FAD C . 30.97 -27.53 7.94
C4A FAD C . 30.42 -26.55 7.19
N1 FAD C . 12.86 -27.51 4.18
C2 FAD C . 11.79 -28.38 4.11
O2 FAD C . 11.96 -29.56 3.76
N3 FAD C . 10.57 -27.89 4.55
C4 FAD C . 10.46 -26.66 5.21
O4 FAD C . 9.58 -26.50 6.09
C4X FAD C . 11.49 -25.70 5.03
N5 FAD C . 11.46 -24.49 5.75
C5X FAD C . 12.67 -23.89 6.18
C6 FAD C . 12.72 -22.76 7.03
C7 FAD C . 13.93 -22.08 7.30
C7M FAD C . 13.88 -20.86 8.17
C8 FAD C . 15.15 -22.57 6.74
C8M FAD C . 16.51 -21.97 6.99
C9 FAD C . 15.12 -23.71 5.94
C9A FAD C . 13.90 -24.36 5.63
N10 FAD C . 13.89 -25.34 4.63
C10 FAD C . 12.72 -26.14 4.46
C1' FAD C . 15.19 -25.59 3.93
C2' FAD C . 15.93 -26.84 4.44
O2' FAD C . 16.13 -26.72 5.83
C3' FAD C . 17.27 -26.95 3.73
O3' FAD C . 17.11 -26.76 2.34
C4' FAD C . 18.02 -28.25 4.03
O4' FAD C . 18.26 -28.40 5.42
C5' FAD C . 19.33 -28.24 3.23
O5' FAD C . 20.34 -28.97 3.89
P FAD C . 21.77 -29.17 3.23
O1P FAD C . 22.31 -30.44 3.74
O2P FAD C . 21.73 -29.11 1.70
O3P FAD C . 22.52 -27.90 3.81
PA FAD D . -17.25 31.25 3.63
O1A FAD D . -16.69 30.29 4.62
O2A FAD D . -16.16 31.76 2.67
O5B FAD D . -17.86 32.54 4.34
C5B FAD D . -18.56 32.38 5.54
C4B FAD D . -18.25 33.58 6.42
O4B FAD D . -19.15 33.63 7.49
C3B FAD D . -16.86 33.50 7.03
O3B FAD D . -16.22 34.75 6.89
C2B FAD D . -17.12 33.22 8.49
O2B FAD D . -16.11 33.75 9.30
C1B FAD D . -18.46 33.90 8.70
N9A FAD D . -19.24 33.39 9.81
C8A FAD D . -19.47 32.08 10.17
N7A FAD D . -20.26 32.08 11.27
C5A FAD D . -20.52 33.35 11.62
C6A FAD D . -21.26 33.91 12.64
N6A FAD D . -21.99 33.15 13.45
N1A FAD D . -21.37 35.27 12.72
C2A FAD D . -20.74 36.07 11.80
N3A FAD D . -20.00 35.51 10.79
C4A FAD D . -19.89 34.18 10.70
N1 FAD D . -12.97 27.36 -4.32
C2 FAD D . -12.65 27.73 -5.62
O2 FAD D . -13.42 28.51 -6.25
N3 FAD D . -11.47 27.22 -6.17
C4 FAD D . -10.53 26.61 -5.33
O4 FAD D . -9.33 26.69 -5.59
C4X FAD D . -10.92 26.12 -4.07
N5 FAD D . -9.96 25.57 -3.22
C5X FAD D . -10.07 25.72 -1.83
C6 FAD D . -9.02 25.33 -0.95
C7 FAD D . -9.20 25.45 0.44
C7M FAD D . -8.07 24.99 1.33
C8 FAD D . -10.43 25.97 0.96
C8M FAD D . -10.72 26.15 2.44
C9 FAD D . -11.46 26.36 0.08
C9A FAD D . -11.29 26.23 -1.31
N10 FAD D . -12.38 26.42 -2.15
C10 FAD D . -12.18 26.49 -3.55
C1' FAD D . -13.73 26.62 -1.52
C2' FAD D . -14.16 28.08 -1.50
O2' FAD D . -13.17 28.82 -0.84
C3' FAD D . -15.50 28.24 -0.78
O3' FAD D . -16.45 27.34 -1.31
C4' FAD D . -16.12 29.63 -0.82
O4' FAD D . -15.22 30.59 -0.29
C5' FAD D . -17.42 29.59 0.00
O5' FAD D . -17.78 30.86 0.55
P FAD D . -19.10 31.09 1.46
O1P FAD D . -19.47 32.52 1.38
O2P FAD D . -20.24 30.19 0.98
O3P FAD D . -18.63 30.68 2.96
#